data_2NAW
#
_entry.id   2NAW
#
_entity_poly.entity_id   1
_entity_poly.type   'polypeptide(L)'
_entity_poly.pdbx_seq_one_letter_code
;HGEGTFTSDLSKQMEEEAVRCFIECLKGIGHKYPFCHCR
;
_entity_poly.pdbx_strand_id   A
#
# COMPACT_ATOMS: atom_id res chain seq x y z
N HIS A 1 -3.74 -14.90 17.93
CA HIS A 1 -4.47 -13.79 17.36
C HIS A 1 -5.38 -14.27 16.25
N GLY A 2 -5.18 -15.51 15.87
CA GLY A 2 -5.94 -16.09 14.78
C GLY A 2 -5.22 -15.89 13.48
N GLU A 3 -5.85 -16.22 12.37
CA GLU A 3 -5.23 -16.02 11.10
C GLU A 3 -5.41 -14.59 10.58
N GLY A 4 -4.54 -13.74 11.02
CA GLY A 4 -4.50 -12.39 10.55
C GLY A 4 -3.49 -12.32 9.47
N THR A 5 -3.89 -12.71 8.31
CA THR A 5 -3.00 -12.86 7.22
C THR A 5 -2.97 -11.63 6.34
N PHE A 6 -1.87 -10.91 6.40
CA PHE A 6 -1.63 -9.80 5.55
C PHE A 6 -0.95 -10.33 4.32
N THR A 7 -1.60 -10.27 3.21
CA THR A 7 -1.07 -10.83 2.02
C THR A 7 -0.26 -9.82 1.24
N SER A 8 0.77 -10.32 0.63
CA SER A 8 1.62 -9.56 -0.22
C SER A 8 1.66 -10.23 -1.59
N ASP A 9 0.60 -9.98 -2.36
CA ASP A 9 0.36 -10.49 -3.74
C ASP A 9 -0.14 -11.91 -3.72
N LEU A 10 0.03 -12.55 -2.57
CA LEU A 10 -0.37 -13.93 -2.36
C LEU A 10 -1.86 -14.10 -2.67
N SER A 11 -2.69 -13.20 -2.20
CA SER A 11 -4.08 -13.25 -2.58
C SER A 11 -4.47 -12.07 -3.44
N LYS A 12 -3.64 -11.01 -3.41
CA LYS A 12 -3.91 -9.74 -4.08
C LYS A 12 -5.37 -9.29 -3.92
N GLN A 13 -5.76 -9.15 -2.70
CA GLN A 13 -7.12 -8.77 -2.31
C GLN A 13 -7.06 -7.70 -1.24
N MET A 14 -6.82 -8.12 -0.01
CA MET A 14 -6.64 -7.20 1.08
C MET A 14 -5.18 -7.19 1.36
N GLU A 15 -4.49 -6.35 0.66
CA GLU A 15 -3.08 -6.27 0.73
C GLU A 15 -2.72 -5.14 1.62
N GLU A 16 -1.57 -5.19 2.19
CA GLU A 16 -1.13 -4.10 3.00
C GLU A 16 0.01 -3.38 2.31
N GLU A 17 0.95 -4.13 1.79
CA GLU A 17 2.02 -3.58 1.14
C GLU A 17 1.66 -3.18 -0.25
N ALA A 18 2.39 -2.24 -0.67
CA ALA A 18 2.28 -1.50 -1.94
C ALA A 18 0.94 -0.78 -2.13
N VAL A 19 0.06 -0.82 -1.14
CA VAL A 19 -1.14 0.00 -1.17
C VAL A 19 -1.03 1.08 -0.10
N ARG A 20 -0.49 0.65 1.07
CA ARG A 20 -0.26 1.54 2.20
C ARG A 20 0.88 2.49 1.96
N CYS A 21 1.60 2.25 0.91
CA CYS A 21 2.63 3.18 0.49
C CYS A 21 2.12 3.93 -0.72
N PHE A 22 1.36 3.24 -1.55
CA PHE A 22 0.85 3.73 -2.82
C PHE A 22 0.08 5.05 -2.66
N ILE A 23 -0.94 5.01 -1.84
CA ILE A 23 -1.83 6.14 -1.60
C ILE A 23 -1.09 7.30 -0.89
N GLU A 24 -0.02 6.97 -0.23
CA GLU A 24 0.75 7.91 0.54
C GLU A 24 1.83 8.53 -0.35
N CYS A 25 2.35 7.72 -1.23
CA CYS A 25 3.36 8.10 -2.19
C CYS A 25 2.74 9.02 -3.22
N LEU A 26 1.44 8.83 -3.43
CA LEU A 26 0.64 9.67 -4.30
C LEU A 26 0.61 11.08 -3.72
N LYS A 27 0.58 11.17 -2.40
CA LYS A 27 0.59 12.46 -1.72
C LYS A 27 2.00 13.02 -1.80
N GLY A 28 2.94 12.23 -1.35
CA GLY A 28 4.33 12.61 -1.41
C GLY A 28 5.03 12.41 -0.13
N ILE A 29 5.16 11.20 0.27
CA ILE A 29 5.87 10.88 1.41
C ILE A 29 6.76 9.78 1.03
N GLY A 30 7.93 9.94 1.42
CA GLY A 30 8.97 8.95 1.26
C GLY A 30 8.75 7.68 2.10
N HIS A 31 9.77 7.26 2.79
CA HIS A 31 9.70 6.02 3.54
C HIS A 31 9.07 6.23 4.91
N LYS A 32 7.76 6.21 4.95
CA LYS A 32 7.02 6.30 6.19
C LYS A 32 6.80 4.90 6.77
N TYR A 33 6.57 3.96 5.89
CA TYR A 33 6.28 2.58 6.27
C TYR A 33 7.48 1.75 5.89
N PRO A 34 7.74 0.63 6.58
CA PRO A 34 8.91 -0.26 6.32
C PRO A 34 8.99 -0.67 4.84
N PHE A 35 7.87 -1.06 4.32
CA PHE A 35 7.73 -1.56 2.96
C PHE A 35 7.47 -0.44 1.96
N CYS A 36 7.47 0.78 2.42
CA CYS A 36 7.16 1.89 1.56
C CYS A 36 8.39 2.38 0.89
N HIS A 37 8.48 2.11 -0.38
CA HIS A 37 9.59 2.55 -1.16
C HIS A 37 9.14 3.63 -2.10
N CYS A 38 8.97 4.78 -1.55
CA CYS A 38 8.61 5.94 -2.30
C CYS A 38 9.78 6.92 -2.29
N ARG A 39 9.96 7.64 -3.37
CA ARG A 39 11.10 8.56 -3.50
C ARG A 39 10.68 10.00 -3.36
N HIS A 1 3.95 -18.56 24.12
CA HIS A 1 3.36 -17.36 23.55
C HIS A 1 2.13 -17.74 22.72
N GLY A 2 1.16 -16.85 22.70
CA GLY A 2 -0.04 -17.07 21.93
C GLY A 2 -1.14 -17.67 22.77
N GLU A 3 -2.31 -17.79 22.17
CA GLU A 3 -3.53 -18.33 22.78
C GLU A 3 -4.06 -17.39 23.87
N GLY A 4 -5.27 -16.92 23.69
CA GLY A 4 -5.82 -15.95 24.60
C GLY A 4 -5.42 -14.57 24.14
N THR A 5 -4.14 -14.36 24.07
CA THR A 5 -3.59 -13.17 23.55
C THR A 5 -3.28 -13.41 22.07
N PHE A 6 -4.05 -12.82 21.22
CA PHE A 6 -3.86 -12.96 19.81
C PHE A 6 -3.45 -11.62 19.24
N THR A 7 -2.22 -11.52 18.85
CA THR A 7 -1.66 -10.28 18.41
C THR A 7 -1.85 -10.12 16.91
N SER A 8 -2.38 -8.99 16.53
CA SER A 8 -2.59 -8.67 15.16
C SER A 8 -1.52 -7.70 14.72
N ASP A 9 -1.15 -7.75 13.44
CA ASP A 9 -0.20 -6.83 12.83
C ASP A 9 1.19 -7.01 13.39
N LEU A 10 1.44 -8.17 13.93
CA LEU A 10 2.73 -8.50 14.50
C LEU A 10 3.65 -8.86 13.33
N SER A 11 3.10 -9.61 12.41
CA SER A 11 3.80 -9.96 11.20
C SER A 11 3.50 -8.89 10.14
N LYS A 12 2.43 -8.12 10.43
CA LYS A 12 1.92 -7.04 9.60
C LYS A 12 1.58 -7.57 8.19
N GLN A 13 1.20 -8.78 8.18
CA GLN A 13 0.84 -9.52 7.02
C GLN A 13 -0.66 -9.38 6.76
N MET A 14 -1.38 -8.93 7.77
CA MET A 14 -2.84 -8.72 7.70
C MET A 14 -3.20 -7.65 6.65
N GLU A 15 -2.27 -6.76 6.40
CA GLU A 15 -2.45 -5.70 5.44
C GLU A 15 -1.78 -6.07 4.13
N GLU A 16 -2.17 -5.43 3.09
CA GLU A 16 -1.57 -5.63 1.82
C GLU A 16 -0.58 -4.52 1.60
N GLU A 17 0.57 -4.86 1.16
CA GLU A 17 1.59 -3.95 1.02
C GLU A 17 1.56 -3.40 -0.37
N ALA A 18 2.22 -2.33 -0.51
CA ALA A 18 2.25 -1.48 -1.71
C ALA A 18 0.89 -0.80 -1.95
N VAL A 19 -0.01 -0.99 -0.98
CA VAL A 19 -1.31 -0.35 -0.92
C VAL A 19 -1.23 0.71 0.16
N ARG A 20 -0.62 0.32 1.26
CA ARG A 20 -0.40 1.16 2.44
C ARG A 20 0.46 2.38 2.08
N CYS A 21 1.29 2.21 1.07
CA CYS A 21 2.22 3.22 0.60
C CYS A 21 1.70 3.83 -0.72
N PHE A 22 0.61 3.29 -1.24
CA PHE A 22 0.12 3.66 -2.58
C PHE A 22 -0.34 5.10 -2.63
N ILE A 23 -1.40 5.40 -1.89
CA ILE A 23 -1.99 6.75 -1.89
C ILE A 23 -0.99 7.72 -1.29
N GLU A 24 -0.20 7.19 -0.41
CA GLU A 24 0.83 7.92 0.27
C GLU A 24 1.90 8.36 -0.71
N CYS A 25 2.11 7.53 -1.70
CA CYS A 25 3.07 7.83 -2.74
C CYS A 25 2.51 8.93 -3.66
N LEU A 26 1.19 8.96 -3.82
CA LEU A 26 0.54 10.05 -4.55
C LEU A 26 0.68 11.35 -3.76
N LYS A 27 0.66 11.22 -2.43
CA LYS A 27 0.84 12.37 -1.55
C LYS A 27 2.28 12.86 -1.61
N GLY A 28 3.20 11.96 -1.42
CA GLY A 28 4.59 12.31 -1.41
C GLY A 28 5.09 12.27 0.00
N ILE A 29 5.60 11.15 0.38
CA ILE A 29 6.07 10.93 1.68
C ILE A 29 7.40 10.23 1.61
N GLY A 30 8.30 10.86 2.17
CA GLY A 30 9.65 10.36 2.27
C GLY A 30 9.77 9.33 3.37
N HIS A 31 9.57 8.08 3.00
CA HIS A 31 9.67 6.92 3.86
C HIS A 31 8.78 6.99 5.09
N LYS A 32 7.50 6.74 4.91
CA LYS A 32 6.58 6.69 6.03
C LYS A 32 6.50 5.24 6.53
N TYR A 33 6.92 4.33 5.69
CA TYR A 33 6.87 2.92 6.00
C TYR A 33 8.19 2.32 5.58
N PRO A 34 8.66 1.29 6.29
CA PRO A 34 9.91 0.55 5.95
C PRO A 34 9.86 -0.04 4.53
N PHE A 35 8.70 -0.53 4.20
CA PHE A 35 8.42 -1.28 2.99
C PHE A 35 7.77 -0.38 1.92
N CYS A 36 7.87 0.90 2.12
CA CYS A 36 7.32 1.83 1.17
C CYS A 36 8.38 2.18 0.14
N HIS A 37 8.12 1.84 -1.09
CA HIS A 37 9.05 2.03 -2.19
C HIS A 37 8.80 3.34 -2.93
N CYS A 38 8.44 4.38 -2.21
CA CYS A 38 8.17 5.65 -2.85
C CYS A 38 9.32 6.63 -2.66
N ARG A 39 10.36 6.16 -1.99
CA ARG A 39 11.54 6.98 -1.62
C ARG A 39 11.14 8.19 -0.81
N HIS A 1 11.06 -16.84 -20.14
CA HIS A 1 11.29 -15.40 -20.17
C HIS A 1 9.98 -14.67 -20.39
N GLY A 2 9.97 -13.42 -20.10
CA GLY A 2 8.80 -12.60 -20.27
C GLY A 2 8.09 -12.38 -18.96
N GLU A 3 7.28 -11.36 -18.92
CA GLU A 3 6.54 -11.00 -17.73
C GLU A 3 5.28 -10.31 -18.23
N GLY A 4 4.14 -10.85 -17.92
CA GLY A 4 2.92 -10.27 -18.37
C GLY A 4 1.85 -10.32 -17.33
N THR A 5 2.26 -10.30 -16.09
CA THR A 5 1.32 -10.36 -15.01
C THR A 5 1.42 -9.12 -14.12
N PHE A 6 0.42 -8.30 -14.19
CA PHE A 6 0.35 -7.12 -13.41
C PHE A 6 -0.85 -7.27 -12.49
N THR A 7 -0.62 -7.22 -11.20
CA THR A 7 -1.67 -7.48 -10.26
C THR A 7 -1.99 -6.24 -9.44
N SER A 8 -3.18 -5.72 -9.62
CA SER A 8 -3.61 -4.55 -8.89
C SER A 8 -4.93 -4.85 -8.19
N ASP A 9 -4.87 -5.23 -6.91
CA ASP A 9 -6.05 -5.52 -6.08
C ASP A 9 -6.86 -6.65 -6.69
N LEU A 10 -6.20 -7.55 -7.42
CA LEU A 10 -6.91 -8.58 -8.16
C LEU A 10 -7.51 -9.57 -7.17
N SER A 11 -6.72 -9.97 -6.23
CA SER A 11 -7.20 -10.73 -5.11
C SER A 11 -7.06 -9.88 -3.86
N LYS A 12 -6.28 -8.78 -4.02
CA LYS A 12 -5.96 -7.81 -2.97
C LYS A 12 -5.17 -8.48 -1.83
N GLN A 13 -4.59 -9.58 -2.19
CA GLN A 13 -3.81 -10.41 -1.29
C GLN A 13 -2.34 -10.08 -1.39
N MET A 14 -1.88 -9.83 -2.60
CA MET A 14 -0.48 -9.55 -2.84
C MET A 14 -0.08 -8.22 -2.24
N GLU A 15 -0.89 -7.24 -2.49
CA GLU A 15 -0.64 -5.91 -2.03
C GLU A 15 -1.05 -5.66 -0.60
N GLU A 16 -0.27 -6.22 0.29
CA GLU A 16 -0.41 -5.99 1.71
C GLU A 16 0.47 -4.82 2.08
N GLU A 17 1.39 -4.55 1.19
CA GLU A 17 2.33 -3.54 1.29
C GLU A 17 2.18 -2.71 0.05
N ALA A 18 3.01 -1.73 -0.03
CA ALA A 18 3.13 -0.75 -1.14
C ALA A 18 1.81 -0.08 -1.60
N VAL A 19 0.71 -0.34 -0.94
CA VAL A 19 -0.55 0.34 -1.23
C VAL A 19 -0.84 1.28 -0.10
N ARG A 20 -0.42 0.86 1.08
CA ARG A 20 -0.40 1.69 2.27
C ARG A 20 0.64 2.78 2.11
N CYS A 21 1.48 2.60 1.12
CA CYS A 21 2.51 3.54 0.76
C CYS A 21 2.08 4.27 -0.51
N PHE A 22 1.35 3.57 -1.37
CA PHE A 22 0.99 4.05 -2.71
C PHE A 22 0.24 5.36 -2.66
N ILE A 23 -0.88 5.37 -1.95
CA ILE A 23 -1.75 6.53 -1.86
C ILE A 23 -1.04 7.69 -1.12
N GLU A 24 -0.09 7.34 -0.31
CA GLU A 24 0.60 8.30 0.52
C GLU A 24 1.76 8.91 -0.25
N CYS A 25 2.42 8.09 -1.00
CA CYS A 25 3.51 8.51 -1.87
C CYS A 25 2.94 9.35 -3.01
N LEU A 26 1.68 9.08 -3.34
CA LEU A 26 0.92 9.83 -4.32
C LEU A 26 0.76 11.29 -3.84
N LYS A 27 0.73 11.46 -2.53
CA LYS A 27 0.67 12.79 -1.93
C LYS A 27 2.08 13.34 -1.87
N GLY A 28 2.97 12.58 -1.27
CA GLY A 28 4.35 12.96 -1.19
C GLY A 28 4.94 12.70 0.14
N ILE A 29 5.09 11.47 0.47
CA ILE A 29 5.74 11.08 1.63
C ILE A 29 6.64 9.99 1.22
N GLY A 30 7.84 10.16 1.55
CA GLY A 30 8.86 9.18 1.33
C GLY A 30 8.67 7.92 2.19
N HIS A 31 9.73 7.51 2.81
CA HIS A 31 9.71 6.30 3.59
C HIS A 31 9.06 6.55 4.96
N LYS A 32 7.78 6.31 5.02
CA LYS A 32 7.05 6.40 6.28
C LYS A 32 6.88 5.00 6.86
N TYR A 33 6.56 4.08 6.00
CA TYR A 33 6.29 2.71 6.39
C TYR A 33 7.48 1.87 5.99
N PRO A 34 7.81 0.82 6.77
CA PRO A 34 8.97 -0.10 6.49
C PRO A 34 8.91 -0.71 5.07
N PHE A 35 7.71 -0.90 4.62
CA PHE A 35 7.43 -1.48 3.32
C PHE A 35 6.98 -0.42 2.32
N CYS A 36 7.30 0.80 2.61
CA CYS A 36 7.00 1.88 1.72
C CYS A 36 8.17 2.08 0.79
N HIS A 37 8.08 1.45 -0.35
CA HIS A 37 9.16 1.39 -1.29
C HIS A 37 8.99 2.43 -2.40
N CYS A 38 8.16 3.41 -2.16
CA CYS A 38 7.93 4.46 -3.12
C CYS A 38 8.66 5.71 -2.67
N ARG A 39 9.14 6.48 -3.62
CA ARG A 39 9.87 7.69 -3.35
C ARG A 39 9.74 8.68 -4.50
N HIS A 1 -18.39 -13.97 1.65
CA HIS A 1 -18.52 -13.04 0.54
C HIS A 1 -18.78 -11.66 1.09
N GLY A 2 -18.88 -10.69 0.23
CA GLY A 2 -19.12 -9.35 0.65
C GLY A 2 -17.88 -8.50 0.56
N GLU A 3 -18.08 -7.22 0.53
CA GLU A 3 -17.01 -6.26 0.46
C GLU A 3 -17.47 -5.01 1.18
N GLY A 4 -16.55 -4.23 1.66
CA GLY A 4 -16.92 -3.02 2.35
C GLY A 4 -16.23 -2.90 3.67
N THR A 5 -15.57 -3.96 4.06
CA THR A 5 -14.82 -3.96 5.28
C THR A 5 -13.34 -3.75 4.99
N PHE A 6 -12.85 -2.59 5.31
CA PHE A 6 -11.47 -2.25 5.09
C PHE A 6 -10.82 -1.96 6.42
N THR A 7 -9.77 -2.66 6.75
CA THR A 7 -9.08 -2.41 7.99
C THR A 7 -7.58 -2.26 7.78
N SER A 8 -7.10 -1.05 7.88
CA SER A 8 -5.71 -0.78 7.68
C SER A 8 -4.92 -1.03 8.94
N ASP A 9 -4.41 -2.25 9.04
CA ASP A 9 -3.57 -2.73 10.15
C ASP A 9 -4.36 -2.90 11.45
N LEU A 10 -5.65 -2.60 11.37
CA LEU A 10 -6.56 -2.71 12.50
C LEU A 10 -6.82 -4.20 12.76
N SER A 11 -7.01 -4.95 11.68
CA SER A 11 -7.17 -6.38 11.81
C SER A 11 -5.79 -7.03 11.73
N LYS A 12 -4.85 -6.21 11.21
CA LYS A 12 -3.43 -6.53 11.02
C LYS A 12 -3.22 -7.80 10.18
N GLN A 13 -4.25 -8.15 9.45
CA GLN A 13 -4.27 -9.32 8.62
C GLN A 13 -4.91 -8.97 7.29
N MET A 14 -6.10 -8.42 7.34
CA MET A 14 -6.78 -8.05 6.12
C MET A 14 -6.38 -6.67 5.67
N GLU A 15 -5.21 -6.61 5.10
CA GLU A 15 -4.64 -5.43 4.53
C GLU A 15 -3.49 -5.89 3.68
N GLU A 16 -3.22 -5.20 2.62
CA GLU A 16 -2.19 -5.57 1.70
C GLU A 16 -1.06 -4.54 1.74
N GLU A 17 0.10 -4.92 1.29
CA GLU A 17 1.18 -4.03 1.24
C GLU A 17 1.17 -3.40 -0.13
N ALA A 18 2.17 -2.63 -0.37
CA ALA A 18 2.37 -1.78 -1.57
C ALA A 18 1.17 -0.86 -1.91
N VAL A 19 0.13 -0.85 -1.08
CA VAL A 19 -0.96 0.07 -1.22
C VAL A 19 -0.88 1.08 -0.09
N ARG A 20 -0.38 0.60 1.06
CA ARG A 20 -0.19 1.42 2.26
C ARG A 20 0.86 2.50 2.01
N CYS A 21 1.68 2.28 1.03
CA CYS A 21 2.70 3.22 0.62
C CYS A 21 2.29 3.92 -0.65
N PHE A 22 1.42 3.26 -1.40
CA PHE A 22 1.01 3.69 -2.74
C PHE A 22 0.33 5.05 -2.67
N ILE A 23 -0.80 5.09 -1.99
CA ILE A 23 -1.62 6.29 -1.89
C ILE A 23 -0.83 7.42 -1.25
N GLU A 24 -0.03 7.07 -0.27
CA GLU A 24 0.78 8.01 0.47
C GLU A 24 1.84 8.61 -0.43
N CYS A 25 2.47 7.77 -1.21
CA CYS A 25 3.53 8.21 -2.11
C CYS A 25 2.98 9.11 -3.21
N LEU A 26 1.74 8.87 -3.64
CA LEU A 26 1.09 9.72 -4.64
C LEU A 26 0.84 11.13 -4.09
N LYS A 27 0.82 11.24 -2.80
CA LYS A 27 0.68 12.51 -2.16
C LYS A 27 2.08 13.07 -1.88
N GLY A 28 2.89 12.31 -1.20
CA GLY A 28 4.24 12.70 -0.93
C GLY A 28 4.63 12.39 0.46
N ILE A 29 5.32 11.29 0.62
CA ILE A 29 5.76 10.86 1.88
C ILE A 29 7.15 10.37 1.70
N GLY A 30 7.98 10.89 2.46
CA GLY A 30 9.34 10.42 2.54
C GLY A 30 9.51 9.45 3.70
N HIS A 31 9.66 8.15 3.38
CA HIS A 31 9.89 7.06 4.36
C HIS A 31 8.90 7.03 5.52
N LYS A 32 7.80 6.34 5.35
CA LYS A 32 6.82 6.24 6.43
C LYS A 32 6.44 4.81 6.79
N TYR A 33 6.91 3.84 6.01
CA TYR A 33 6.62 2.44 6.27
C TYR A 33 7.84 1.63 5.88
N PRO A 34 8.12 0.50 6.57
CA PRO A 34 9.31 -0.36 6.31
C PRO A 34 9.44 -0.73 4.84
N PHE A 35 8.33 -1.16 4.31
CA PHE A 35 8.21 -1.66 2.97
C PHE A 35 7.82 -0.57 1.99
N CYS A 36 7.91 0.65 2.41
CA CYS A 36 7.54 1.75 1.55
C CYS A 36 8.74 2.30 0.85
N HIS A 37 8.76 2.09 -0.42
CA HIS A 37 9.79 2.62 -1.25
C HIS A 37 9.18 3.62 -2.19
N CYS A 38 8.87 4.78 -1.64
CA CYS A 38 8.31 5.88 -2.41
C CYS A 38 9.39 6.41 -3.36
N ARG A 39 9.04 7.25 -4.27
CA ARG A 39 9.99 7.72 -5.25
C ARG A 39 9.69 9.15 -5.62
N HIS A 1 -5.95 10.65 -12.94
CA HIS A 1 -6.02 11.91 -12.23
C HIS A 1 -6.39 11.70 -10.76
N GLY A 2 -6.28 10.48 -10.32
CA GLY A 2 -6.54 10.16 -8.95
C GLY A 2 -7.61 9.11 -8.78
N GLU A 3 -7.75 8.62 -7.58
CA GLU A 3 -8.74 7.62 -7.23
C GLU A 3 -9.25 7.92 -5.83
N GLY A 4 -10.55 7.96 -5.66
CA GLY A 4 -11.13 8.26 -4.37
C GLY A 4 -11.95 7.10 -3.85
N THR A 5 -11.92 6.02 -4.57
CA THR A 5 -12.61 4.83 -4.17
C THR A 5 -11.59 3.88 -3.55
N PHE A 6 -11.68 3.70 -2.25
CA PHE A 6 -10.73 2.86 -1.55
C PHE A 6 -11.46 1.67 -0.96
N THR A 7 -11.32 0.54 -1.58
CA THR A 7 -11.99 -0.63 -1.12
C THR A 7 -11.02 -1.81 -1.03
N SER A 8 -11.14 -2.60 0.01
CA SER A 8 -10.30 -3.75 0.20
C SER A 8 -11.15 -5.01 0.05
N ASP A 9 -10.51 -6.10 -0.35
CA ASP A 9 -11.13 -7.44 -0.51
C ASP A 9 -12.09 -7.43 -1.70
N LEU A 10 -11.97 -6.40 -2.49
CA LEU A 10 -12.79 -6.22 -3.68
C LEU A 10 -12.11 -6.99 -4.81
N SER A 11 -10.81 -6.87 -4.88
CA SER A 11 -10.01 -7.59 -5.83
C SER A 11 -9.65 -8.94 -5.17
N LYS A 12 -9.85 -8.96 -3.85
CA LYS A 12 -9.66 -10.11 -2.99
C LYS A 12 -8.28 -10.71 -3.05
N GLN A 13 -7.35 -9.92 -2.72
CA GLN A 13 -5.98 -10.31 -2.63
C GLN A 13 -5.45 -9.76 -1.31
N MET A 14 -4.26 -10.13 -0.92
CA MET A 14 -3.69 -9.59 0.32
C MET A 14 -3.23 -8.17 0.10
N GLU A 15 -4.06 -7.25 0.49
CA GLU A 15 -3.81 -5.85 0.31
C GLU A 15 -3.20 -5.25 1.55
N GLU A 16 -1.91 -5.11 1.54
CA GLU A 16 -1.20 -4.57 2.66
C GLU A 16 -0.07 -3.68 2.15
N GLU A 17 0.98 -4.30 1.69
CA GLU A 17 2.07 -3.60 1.22
C GLU A 17 1.81 -3.28 -0.21
N ALA A 18 2.30 -2.16 -0.56
CA ALA A 18 2.14 -1.49 -1.86
C ALA A 18 0.73 -0.96 -2.03
N VAL A 19 -0.04 -1.06 -0.98
CA VAL A 19 -1.34 -0.47 -0.90
C VAL A 19 -1.25 0.67 0.08
N ARG A 20 -0.76 0.35 1.27
CA ARG A 20 -0.57 1.30 2.38
C ARG A 20 0.34 2.46 2.01
N CYS A 21 1.25 2.22 1.10
CA CYS A 21 2.23 3.21 0.67
C CYS A 21 1.81 3.86 -0.62
N PHE A 22 0.92 3.19 -1.35
CA PHE A 22 0.55 3.60 -2.69
C PHE A 22 -0.03 5.00 -2.70
N ILE A 23 -1.12 5.19 -1.99
CA ILE A 23 -1.84 6.45 -1.98
C ILE A 23 -0.98 7.53 -1.31
N GLU A 24 -0.20 7.10 -0.36
CA GLU A 24 0.71 8.02 0.35
C GLU A 24 1.79 8.49 -0.57
N CYS A 25 2.27 7.60 -1.39
CA CYS A 25 3.31 7.91 -2.34
C CYS A 25 2.81 8.91 -3.36
N LEU A 26 1.52 8.83 -3.71
CA LEU A 26 0.92 9.80 -4.61
C LEU A 26 0.77 11.16 -3.95
N LYS A 27 0.82 11.20 -2.63
CA LYS A 27 0.85 12.47 -1.91
C LYS A 27 2.27 12.99 -1.95
N GLY A 28 3.18 12.12 -1.54
CA GLY A 28 4.56 12.47 -1.41
C GLY A 28 4.93 12.31 0.01
N ILE A 29 5.58 11.23 0.32
CA ILE A 29 5.88 10.91 1.63
C ILE A 29 7.29 10.40 1.71
N GLY A 30 7.96 10.97 2.58
CA GLY A 30 9.29 10.55 2.95
C GLY A 30 9.27 9.36 3.91
N HIS A 31 9.71 8.21 3.42
CA HIS A 31 9.81 6.93 4.16
C HIS A 31 8.47 6.37 4.63
N LYS A 32 8.06 6.80 5.81
CA LYS A 32 6.87 6.32 6.51
C LYS A 32 6.93 4.85 6.88
N TYR A 33 6.74 4.00 5.90
CA TYR A 33 6.64 2.57 6.15
C TYR A 33 7.90 1.88 5.70
N PRO A 34 8.34 0.83 6.42
CA PRO A 34 9.55 0.05 6.11
C PRO A 34 9.53 -0.58 4.69
N PHE A 35 8.35 -0.92 4.25
CA PHE A 35 8.16 -1.62 2.98
C PHE A 35 7.70 -0.66 1.87
N CYS A 36 7.62 0.60 2.19
CA CYS A 36 7.15 1.59 1.25
C CYS A 36 8.22 1.93 0.25
N HIS A 37 8.00 1.52 -0.96
CA HIS A 37 8.91 1.83 -2.02
C HIS A 37 8.49 3.10 -2.74
N CYS A 38 8.74 4.19 -2.09
CA CYS A 38 8.49 5.48 -2.66
C CYS A 38 9.74 6.30 -2.52
N ARG A 39 9.87 7.35 -3.28
CA ARG A 39 11.03 8.21 -3.25
C ARG A 39 10.62 9.60 -3.71
N HIS A 1 -16.15 -0.74 -11.77
CA HIS A 1 -16.71 -0.27 -13.01
C HIS A 1 -15.67 0.56 -13.72
N GLY A 2 -15.38 0.19 -14.93
CA GLY A 2 -14.41 0.89 -15.71
C GLY A 2 -13.41 -0.05 -16.31
N GLU A 3 -12.75 0.42 -17.33
CA GLU A 3 -11.76 -0.34 -18.08
C GLU A 3 -10.44 -0.35 -17.33
N GLY A 4 -10.05 0.81 -16.85
CA GLY A 4 -8.80 0.97 -16.13
C GLY A 4 -8.98 1.87 -14.94
N THR A 5 -9.95 1.54 -14.13
CA THR A 5 -10.27 2.28 -12.95
C THR A 5 -9.58 1.66 -11.73
N PHE A 6 -8.59 2.34 -11.20
CA PHE A 6 -7.81 1.83 -10.10
C PHE A 6 -8.18 2.53 -8.82
N THR A 7 -8.80 1.82 -7.94
CA THR A 7 -9.13 2.32 -6.64
C THR A 7 -8.69 1.29 -5.62
N SER A 8 -7.74 1.66 -4.82
CA SER A 8 -7.21 0.79 -3.83
C SER A 8 -8.21 0.57 -2.70
N ASP A 9 -8.24 -0.66 -2.16
CA ASP A 9 -9.09 -1.05 -1.01
C ASP A 9 -10.55 -1.27 -1.44
N LEU A 10 -10.79 -1.12 -2.72
CA LEU A 10 -12.12 -1.29 -3.27
C LEU A 10 -12.50 -2.77 -3.22
N SER A 11 -11.57 -3.61 -3.60
CA SER A 11 -11.78 -5.04 -3.54
C SER A 11 -10.86 -5.66 -2.45
N LYS A 12 -9.86 -4.86 -2.02
CA LYS A 12 -8.84 -5.26 -1.01
C LYS A 12 -8.30 -6.68 -1.20
N GLN A 13 -7.74 -6.89 -2.34
CA GLN A 13 -7.20 -8.17 -2.77
C GLN A 13 -5.82 -8.40 -2.16
N MET A 14 -4.88 -7.65 -2.67
CA MET A 14 -3.49 -7.73 -2.29
C MET A 14 -3.13 -6.35 -1.75
N GLU A 15 -4.18 -5.62 -1.45
CA GLU A 15 -4.06 -4.26 -1.07
C GLU A 15 -3.67 -4.09 0.38
N GLU A 16 -2.45 -4.37 0.63
CA GLU A 16 -1.85 -4.19 1.90
C GLU A 16 -0.53 -3.46 1.67
N GLU A 17 0.49 -4.22 1.34
CA GLU A 17 1.76 -3.71 1.12
C GLU A 17 1.77 -3.09 -0.23
N ALA A 18 2.55 -2.11 -0.30
CA ALA A 18 2.74 -1.20 -1.46
C ALA A 18 1.46 -0.46 -1.84
N VAL A 19 0.42 -0.62 -1.04
CA VAL A 19 -0.80 0.11 -1.22
C VAL A 19 -0.88 1.11 -0.10
N ARG A 20 -0.45 0.66 1.06
CA ARG A 20 -0.27 1.51 2.22
C ARG A 20 0.85 2.51 1.98
N CYS A 21 1.65 2.26 0.97
CA CYS A 21 2.72 3.14 0.58
C CYS A 21 2.31 3.91 -0.67
N PHE A 22 1.37 3.33 -1.41
CA PHE A 22 0.96 3.84 -2.71
C PHE A 22 0.20 5.14 -2.57
N ILE A 23 -0.90 5.09 -1.86
CA ILE A 23 -1.80 6.24 -1.70
C ILE A 23 -1.04 7.39 -1.04
N GLU A 24 -0.19 7.04 -0.11
CA GLU A 24 0.61 8.00 0.61
C GLU A 24 1.62 8.64 -0.33
N CYS A 25 2.21 7.83 -1.18
CA CYS A 25 3.22 8.30 -2.11
C CYS A 25 2.62 9.22 -3.18
N LEU A 26 1.35 9.02 -3.50
CA LEU A 26 0.66 9.91 -4.43
C LEU A 26 0.30 11.24 -3.76
N LYS A 27 0.42 11.28 -2.45
CA LYS A 27 0.29 12.50 -1.70
C LYS A 27 1.67 13.12 -1.61
N GLY A 28 2.64 12.31 -1.25
CA GLY A 28 4.01 12.72 -1.17
C GLY A 28 4.60 12.38 0.15
N ILE A 29 5.23 11.25 0.24
CA ILE A 29 5.81 10.79 1.44
C ILE A 29 7.15 10.21 1.13
N GLY A 30 8.09 10.74 1.75
CA GLY A 30 9.42 10.23 1.72
C GLY A 30 9.62 9.19 2.80
N HIS A 31 9.35 7.93 2.44
CA HIS A 31 9.51 6.75 3.30
C HIS A 31 8.71 6.85 4.61
N LYS A 32 7.48 6.37 4.60
CA LYS A 32 6.68 6.40 5.82
C LYS A 32 6.63 5.02 6.50
N TYR A 33 6.81 3.98 5.72
CA TYR A 33 6.70 2.61 6.23
C TYR A 33 7.97 1.87 5.91
N PRO A 34 8.39 0.93 6.77
CA PRO A 34 9.64 0.14 6.57
C PRO A 34 9.70 -0.60 5.22
N PHE A 35 8.55 -0.93 4.71
CA PHE A 35 8.40 -1.66 3.44
C PHE A 35 7.97 -0.74 2.31
N CYS A 36 7.96 0.55 2.56
CA CYS A 36 7.54 1.52 1.58
C CYS A 36 8.72 1.93 0.74
N HIS A 37 8.68 1.56 -0.51
CA HIS A 37 9.77 1.74 -1.43
C HIS A 37 9.38 2.64 -2.58
N CYS A 38 8.55 3.63 -2.30
CA CYS A 38 8.13 4.53 -3.36
C CYS A 38 9.09 5.68 -3.51
N ARG A 39 9.02 6.60 -2.62
CA ARG A 39 9.90 7.79 -2.65
C ARG A 39 10.57 8.03 -1.32
N HIS A 1 -5.26 -23.94 14.16
CA HIS A 1 -5.56 -22.69 13.50
C HIS A 1 -7.02 -22.66 13.09
N GLY A 2 -7.55 -23.83 12.88
CA GLY A 2 -8.91 -23.98 12.45
C GLY A 2 -8.98 -24.75 11.17
N GLU A 3 -10.01 -24.53 10.40
CA GLU A 3 -10.19 -25.24 9.14
C GLU A 3 -9.41 -24.58 8.04
N GLY A 4 -9.03 -23.36 8.25
CA GLY A 4 -8.23 -22.67 7.31
C GLY A 4 -6.85 -22.49 7.87
N THR A 5 -5.86 -22.68 7.05
CA THR A 5 -4.51 -22.47 7.47
C THR A 5 -4.10 -21.05 7.07
N PHE A 6 -3.97 -20.19 8.05
CA PHE A 6 -3.70 -18.78 7.81
C PHE A 6 -2.25 -18.58 7.47
N THR A 7 -1.99 -18.37 6.22
CA THR A 7 -0.66 -18.19 5.73
C THR A 7 -0.61 -16.93 4.87
N SER A 8 0.54 -16.31 4.82
CA SER A 8 0.72 -15.11 4.07
C SER A 8 0.63 -15.37 2.56
N ASP A 9 -0.05 -14.46 1.86
CA ASP A 9 -0.24 -14.53 0.41
C ASP A 9 -1.01 -15.78 0.02
N LEU A 10 -1.87 -16.22 0.93
CA LEU A 10 -2.67 -17.43 0.74
C LEU A 10 -3.56 -17.24 -0.50
N SER A 11 -4.19 -16.10 -0.58
CA SER A 11 -4.98 -15.78 -1.74
C SER A 11 -4.29 -14.65 -2.50
N LYS A 12 -3.39 -13.93 -1.78
CA LYS A 12 -2.60 -12.80 -2.29
C LYS A 12 -3.51 -11.73 -2.96
N GLN A 13 -4.75 -11.73 -2.58
CA GLN A 13 -5.75 -10.85 -3.07
C GLN A 13 -5.74 -9.56 -2.28
N MET A 14 -5.66 -9.68 -0.99
CA MET A 14 -5.63 -8.55 -0.12
C MET A 14 -4.24 -8.39 0.43
N GLU A 15 -3.47 -7.56 -0.17
CA GLU A 15 -2.15 -7.28 0.28
C GLU A 15 -2.13 -5.90 0.92
N GLU A 16 -1.18 -5.64 1.77
CA GLU A 16 -1.10 -4.33 2.35
C GLU A 16 0.17 -3.64 1.91
N GLU A 17 1.20 -4.42 1.71
CA GLU A 17 2.44 -3.92 1.29
C GLU A 17 2.31 -3.38 -0.10
N ALA A 18 2.70 -2.16 -0.18
CA ALA A 18 2.67 -1.29 -1.37
C ALA A 18 1.25 -0.79 -1.68
N VAL A 19 0.32 -1.10 -0.80
CA VAL A 19 -1.03 -0.58 -0.87
C VAL A 19 -1.12 0.49 0.21
N ARG A 20 -0.55 0.16 1.36
CA ARG A 20 -0.39 1.04 2.51
C ARG A 20 0.32 2.33 2.10
N CYS A 21 1.25 2.18 1.18
CA CYS A 21 2.11 3.26 0.74
C CYS A 21 1.60 3.86 -0.57
N PHE A 22 0.55 3.28 -1.14
CA PHE A 22 0.08 3.65 -2.48
C PHE A 22 -0.51 5.05 -2.50
N ILE A 23 -1.60 5.25 -1.78
CA ILE A 23 -2.29 6.53 -1.79
C ILE A 23 -1.44 7.59 -1.08
N GLU A 24 -0.55 7.14 -0.22
CA GLU A 24 0.39 8.03 0.43
C GLU A 24 1.34 8.55 -0.62
N CYS A 25 1.81 7.64 -1.48
CA CYS A 25 2.78 7.95 -2.51
C CYS A 25 2.21 8.88 -3.58
N LEU A 26 0.90 9.04 -3.58
CA LEU A 26 0.27 10.06 -4.43
C LEU A 26 0.64 11.49 -3.96
N LYS A 27 1.23 11.57 -2.77
CA LYS A 27 1.75 12.82 -2.22
C LYS A 27 3.24 12.64 -1.96
N GLY A 28 3.91 13.69 -1.52
CA GLY A 28 5.32 13.62 -1.25
C GLY A 28 5.59 12.96 0.07
N ILE A 29 5.80 11.67 0.06
CA ILE A 29 6.02 10.91 1.22
C ILE A 29 7.26 10.09 0.97
N GLY A 30 8.22 10.36 1.72
CA GLY A 30 9.46 9.68 1.64
C GLY A 30 9.60 8.63 2.70
N HIS A 31 9.16 7.41 2.36
CA HIS A 31 9.26 6.24 3.25
C HIS A 31 8.43 6.41 4.54
N LYS A 32 7.19 6.01 4.50
CA LYS A 32 6.35 6.03 5.70
C LYS A 32 6.42 4.70 6.41
N TYR A 33 6.46 3.66 5.65
CA TYR A 33 6.39 2.30 6.15
C TYR A 33 7.67 1.61 5.77
N PRO A 34 8.10 0.58 6.51
CA PRO A 34 9.36 -0.17 6.22
C PRO A 34 9.44 -0.67 4.75
N PHE A 35 8.30 -1.04 4.22
CA PHE A 35 8.18 -1.60 2.88
C PHE A 35 7.66 -0.56 1.90
N CYS A 36 7.68 0.67 2.30
CA CYS A 36 7.23 1.76 1.48
C CYS A 36 8.43 2.33 0.78
N HIS A 37 8.52 2.03 -0.48
CA HIS A 37 9.68 2.36 -1.27
C HIS A 37 9.51 3.69 -1.97
N CYS A 38 8.36 4.30 -1.79
CA CYS A 38 8.07 5.59 -2.36
C CYS A 38 9.00 6.62 -1.75
N ARG A 39 9.77 7.30 -2.58
CA ARG A 39 10.70 8.32 -2.11
C ARG A 39 11.12 9.19 -3.29
N HIS A 1 -24.21 -26.24 -2.25
CA HIS A 1 -24.44 -24.99 -1.56
C HIS A 1 -23.71 -25.04 -0.23
N GLY A 2 -23.32 -23.92 0.28
CA GLY A 2 -22.58 -23.90 1.51
C GLY A 2 -21.37 -23.02 1.41
N GLU A 3 -20.82 -22.65 2.57
CA GLU A 3 -19.64 -21.78 2.69
C GLU A 3 -19.97 -20.32 2.41
N GLY A 4 -19.00 -19.47 2.65
CA GLY A 4 -19.18 -18.06 2.43
C GLY A 4 -19.07 -17.26 3.71
N THR A 5 -18.30 -17.76 4.64
CA THR A 5 -18.07 -17.07 5.87
C THR A 5 -16.61 -16.59 5.89
N PHE A 6 -16.40 -15.31 6.00
CA PHE A 6 -15.06 -14.73 5.99
C PHE A 6 -14.37 -14.99 7.31
N THR A 7 -13.25 -15.69 7.25
CA THR A 7 -12.52 -16.04 8.43
C THR A 7 -11.13 -15.40 8.42
N SER A 8 -10.82 -14.64 9.46
CA SER A 8 -9.56 -13.96 9.59
C SER A 8 -8.40 -14.97 9.65
N ASP A 9 -7.32 -14.63 8.95
CA ASP A 9 -6.05 -15.38 8.88
C ASP A 9 -6.15 -16.60 7.97
N LEU A 10 -7.33 -17.13 7.89
CA LEU A 10 -7.66 -18.22 6.99
C LEU A 10 -7.67 -17.65 5.58
N SER A 11 -8.20 -16.45 5.46
CA SER A 11 -8.19 -15.71 4.21
C SER A 11 -6.82 -15.07 4.02
N LYS A 12 -6.07 -15.03 5.13
CA LYS A 12 -4.75 -14.46 5.24
C LYS A 12 -4.68 -13.07 4.62
N GLN A 13 -5.49 -12.25 5.15
CA GLN A 13 -5.59 -10.89 4.75
C GLN A 13 -4.83 -10.03 5.74
N MET A 14 -4.38 -8.92 5.30
CA MET A 14 -3.63 -8.01 6.11
C MET A 14 -3.62 -6.69 5.38
N GLU A 15 -3.25 -5.63 6.05
CA GLU A 15 -3.03 -4.37 5.39
C GLU A 15 -1.71 -4.48 4.61
N GLU A 16 -1.84 -5.02 3.42
CA GLU A 16 -0.74 -5.43 2.58
C GLU A 16 0.15 -4.29 2.10
N GLU A 17 1.27 -4.67 1.55
CA GLU A 17 2.23 -3.79 1.12
C GLU A 17 1.86 -3.26 -0.24
N ALA A 18 2.50 -2.21 -0.53
CA ALA A 18 2.39 -1.38 -1.76
C ALA A 18 0.98 -0.82 -2.02
N VAL A 19 0.04 -1.04 -1.11
CA VAL A 19 -1.25 -0.42 -1.20
C VAL A 19 -1.33 0.63 -0.09
N ARG A 20 -0.75 0.28 1.06
CA ARG A 20 -0.57 1.17 2.21
C ARG A 20 0.32 2.35 1.83
N CYS A 21 1.09 2.17 0.77
CA CYS A 21 2.00 3.20 0.28
C CYS A 21 1.44 3.84 -1.00
N PHE A 22 0.33 3.33 -1.50
CA PHE A 22 -0.17 3.71 -2.82
C PHE A 22 -0.57 5.19 -2.84
N ILE A 23 -1.52 5.55 -2.00
CA ILE A 23 -2.03 6.91 -1.96
C ILE A 23 -1.01 7.81 -1.30
N GLU A 24 -0.22 7.21 -0.47
CA GLU A 24 0.82 7.89 0.26
C GLU A 24 1.90 8.36 -0.70
N CYS A 25 2.19 7.54 -1.67
CA CYS A 25 3.16 7.89 -2.68
C CYS A 25 2.54 8.89 -3.67
N LEU A 26 1.21 8.96 -3.68
CA LEU A 26 0.52 9.97 -4.49
C LEU A 26 0.55 11.34 -3.77
N LYS A 27 1.06 11.31 -2.54
CA LYS A 27 1.28 12.50 -1.74
C LYS A 27 2.79 12.82 -1.79
N GLY A 28 3.59 11.82 -1.44
CA GLY A 28 5.03 11.97 -1.46
C GLY A 28 5.61 11.80 -0.10
N ILE A 29 5.73 10.56 0.32
CA ILE A 29 6.25 10.23 1.57
C ILE A 29 7.21 9.06 1.44
N GLY A 30 8.34 9.29 1.81
CA GLY A 30 9.33 8.26 1.86
C GLY A 30 9.62 7.84 3.30
N HIS A 31 9.93 6.55 3.47
CA HIS A 31 10.36 5.96 4.74
C HIS A 31 9.31 5.92 5.83
N LYS A 32 8.07 6.16 5.48
CA LYS A 32 6.99 6.12 6.48
C LYS A 32 6.62 4.70 6.83
N TYR A 33 6.61 3.84 5.85
CA TYR A 33 6.27 2.45 6.10
C TYR A 33 7.50 1.63 5.78
N PRO A 34 7.65 0.43 6.39
CA PRO A 34 8.82 -0.48 6.17
C PRO A 34 9.07 -0.80 4.68
N PHE A 35 8.04 -0.64 3.89
CA PHE A 35 8.07 -0.93 2.47
C PHE A 35 7.71 0.29 1.66
N CYS A 36 7.68 1.43 2.29
CA CYS A 36 7.25 2.60 1.59
C CYS A 36 8.26 3.66 1.61
N HIS A 37 8.94 3.78 0.53
CA HIS A 37 9.88 4.80 0.32
C HIS A 37 9.51 5.41 -1.00
N CYS A 38 8.41 6.24 -1.01
CA CYS A 38 7.94 6.87 -2.27
C CYS A 38 9.09 7.43 -3.03
N ARG A 39 9.17 7.04 -4.28
CA ARG A 39 10.32 7.32 -5.09
C ARG A 39 10.59 8.82 -5.22
N HIS A 1 -18.23 13.73 -3.89
CA HIS A 1 -16.93 14.36 -4.09
C HIS A 1 -16.09 13.57 -5.10
N GLY A 2 -15.99 14.06 -6.29
CA GLY A 2 -15.24 13.39 -7.32
C GLY A 2 -16.07 12.35 -8.02
N GLU A 3 -15.56 11.80 -9.07
CA GLU A 3 -16.27 10.77 -9.78
C GLU A 3 -15.78 9.40 -9.34
N GLY A 4 -14.61 9.38 -8.77
CA GLY A 4 -14.05 8.15 -8.27
C GLY A 4 -14.69 7.79 -6.97
N THR A 5 -15.37 6.68 -6.95
CA THR A 5 -16.07 6.28 -5.78
C THR A 5 -15.22 5.32 -4.96
N PHE A 6 -14.75 5.79 -3.84
CA PHE A 6 -14.03 4.98 -2.92
C PHE A 6 -14.85 4.82 -1.68
N THR A 7 -15.19 3.62 -1.37
CA THR A 7 -15.94 3.34 -0.20
C THR A 7 -15.25 2.18 0.52
N SER A 8 -15.26 2.22 1.84
CA SER A 8 -14.62 1.21 2.65
C SER A 8 -15.21 -0.18 2.34
N ASP A 9 -14.33 -1.12 1.95
CA ASP A 9 -14.70 -2.55 1.67
C ASP A 9 -15.39 -2.73 0.31
N LEU A 10 -15.55 -1.64 -0.42
CA LEU A 10 -16.23 -1.67 -1.73
C LEU A 10 -15.44 -2.46 -2.74
N SER A 11 -14.17 -2.26 -2.77
CA SER A 11 -13.34 -2.91 -3.71
C SER A 11 -12.93 -4.28 -3.14
N LYS A 12 -13.12 -4.38 -1.81
CA LYS A 12 -12.82 -5.55 -1.02
C LYS A 12 -11.49 -6.18 -1.41
N GLN A 13 -10.50 -5.39 -1.26
CA GLN A 13 -9.16 -5.79 -1.53
C GLN A 13 -8.40 -5.84 -0.23
N MET A 14 -7.40 -6.69 -0.18
CA MET A 14 -6.57 -6.85 1.01
C MET A 14 -5.89 -5.55 1.30
N GLU A 15 -5.90 -5.14 2.55
CA GLU A 15 -5.16 -3.96 2.94
C GLU A 15 -3.70 -4.38 3.03
N GLU A 16 -3.11 -4.46 1.88
CA GLU A 16 -1.86 -5.11 1.67
C GLU A 16 -0.68 -4.13 1.62
N GLU A 17 0.49 -4.71 1.70
CA GLU A 17 1.72 -4.06 1.59
C GLU A 17 1.81 -3.41 0.24
N ALA A 18 2.51 -2.37 0.26
CA ALA A 18 2.77 -1.43 -0.84
C ALA A 18 1.51 -0.71 -1.33
N VAL A 19 0.38 -0.94 -0.69
CA VAL A 19 -0.82 -0.16 -0.96
C VAL A 19 -0.79 0.95 0.04
N ARG A 20 -0.36 0.57 1.23
CA ARG A 20 -0.06 1.46 2.33
C ARG A 20 1.14 2.33 2.05
N CYS A 21 1.78 2.10 0.94
CA CYS A 21 2.85 2.96 0.48
C CYS A 21 2.36 3.80 -0.70
N PHE A 22 1.70 3.13 -1.62
CA PHE A 22 1.30 3.67 -2.91
C PHE A 22 0.54 5.02 -2.83
N ILE A 23 -0.66 5.00 -2.28
CA ILE A 23 -1.53 6.19 -2.24
C ILE A 23 -0.92 7.26 -1.35
N GLU A 24 -0.28 6.79 -0.31
CA GLU A 24 0.42 7.64 0.66
C GLU A 24 1.49 8.46 -0.07
N CYS A 25 2.31 7.75 -0.81
CA CYS A 25 3.43 8.32 -1.52
C CYS A 25 3.00 9.29 -2.58
N LEU A 26 1.81 9.07 -3.13
CA LEU A 26 1.27 9.92 -4.17
C LEU A 26 1.11 11.38 -3.71
N LYS A 27 1.03 11.62 -2.40
CA LYS A 27 0.88 12.99 -1.90
C LYS A 27 2.22 13.60 -1.56
N GLY A 28 3.24 12.78 -1.60
CA GLY A 28 4.56 13.24 -1.33
C GLY A 28 5.07 12.85 0.03
N ILE A 29 5.01 11.58 0.33
CA ILE A 29 5.57 11.09 1.52
C ILE A 29 6.50 10.00 1.10
N GLY A 30 7.67 10.18 1.49
CA GLY A 30 8.72 9.21 1.30
C GLY A 30 8.58 7.95 2.16
N HIS A 31 9.66 7.56 2.80
CA HIS A 31 9.69 6.34 3.58
C HIS A 31 9.00 6.52 4.93
N LYS A 32 7.70 6.38 4.94
CA LYS A 32 6.94 6.47 6.18
C LYS A 32 6.57 5.06 6.67
N TYR A 33 6.72 4.10 5.80
CA TYR A 33 6.37 2.72 6.09
C TYR A 33 7.55 1.85 5.73
N PRO A 34 7.77 0.74 6.47
CA PRO A 34 8.91 -0.19 6.26
C PRO A 34 9.05 -0.63 4.79
N PHE A 35 7.93 -0.98 4.21
CA PHE A 35 7.84 -1.50 2.85
C PHE A 35 7.63 -0.39 1.82
N CYS A 36 7.76 0.82 2.24
CA CYS A 36 7.52 1.90 1.34
C CYS A 36 8.81 2.35 0.71
N HIS A 37 9.00 1.93 -0.51
CA HIS A 37 10.17 2.26 -1.32
C HIS A 37 9.88 3.43 -2.26
N CYS A 38 8.64 3.90 -2.25
CA CYS A 38 8.23 4.97 -3.12
C CYS A 38 8.76 6.30 -2.55
N ARG A 39 9.10 7.21 -3.44
CA ARG A 39 9.71 8.48 -3.06
C ARG A 39 8.82 9.65 -3.47
N HIS A 1 -2.05 -13.53 -25.55
CA HIS A 1 -2.19 -12.95 -24.22
C HIS A 1 -1.15 -13.52 -23.29
N GLY A 2 -0.85 -14.80 -23.48
CA GLY A 2 0.08 -15.50 -22.64
C GLY A 2 -0.60 -15.98 -21.37
N GLU A 3 -0.04 -16.94 -20.70
CA GLU A 3 -0.66 -17.42 -19.48
C GLU A 3 -0.15 -16.69 -18.29
N GLY A 4 -0.99 -15.91 -17.70
CA GLY A 4 -0.62 -15.16 -16.54
C GLY A 4 -0.92 -13.73 -16.71
N THR A 5 -1.17 -13.07 -15.64
CA THR A 5 -1.44 -11.68 -15.66
C THR A 5 -0.80 -11.03 -14.45
N PHE A 6 0.04 -10.06 -14.71
CA PHE A 6 0.68 -9.30 -13.67
C PHE A 6 -0.39 -8.45 -13.03
N THR A 7 -0.63 -8.65 -11.78
CA THR A 7 -1.71 -8.00 -11.12
C THR A 7 -1.21 -7.09 -10.00
N SER A 8 -1.29 -5.80 -10.25
CA SER A 8 -0.96 -4.81 -9.26
C SER A 8 -1.90 -3.64 -9.45
N ASP A 9 -2.56 -3.23 -8.36
CA ASP A 9 -3.60 -2.15 -8.35
C ASP A 9 -4.91 -2.63 -8.96
N LEU A 10 -4.81 -3.52 -9.92
CA LEU A 10 -5.93 -4.09 -10.62
C LEU A 10 -6.90 -4.73 -9.62
N SER A 11 -6.39 -5.46 -8.65
CA SER A 11 -7.25 -5.99 -7.62
C SER A 11 -6.95 -5.30 -6.29
N LYS A 12 -5.75 -4.66 -6.22
CA LYS A 12 -5.26 -3.94 -5.03
C LYS A 12 -5.22 -4.87 -3.77
N GLN A 13 -5.25 -6.16 -4.02
CA GLN A 13 -5.34 -7.16 -2.97
C GLN A 13 -4.01 -7.52 -2.34
N MET A 14 -2.92 -7.07 -2.93
CA MET A 14 -1.60 -7.29 -2.33
C MET A 14 -1.58 -6.72 -0.91
N GLU A 15 -2.07 -5.48 -0.79
CA GLU A 15 -2.30 -4.76 0.48
C GLU A 15 -1.01 -4.42 1.26
N GLU A 16 -0.16 -5.43 1.48
CA GLU A 16 1.09 -5.38 2.24
C GLU A 16 1.93 -4.13 1.98
N GLU A 17 2.19 -3.83 0.74
CA GLU A 17 2.94 -2.72 0.33
C GLU A 17 2.30 -2.22 -0.93
N ALA A 18 2.57 -0.99 -1.19
CA ALA A 18 2.14 -0.17 -2.31
C ALA A 18 0.63 0.04 -2.34
N VAL A 19 -0.03 -0.43 -1.32
CA VAL A 19 -1.41 -0.16 -1.06
C VAL A 19 -1.49 0.74 0.13
N ARG A 20 -0.79 0.30 1.19
CA ARG A 20 -0.65 1.06 2.43
C ARG A 20 0.10 2.36 2.18
N CYS A 21 0.96 2.33 1.20
CA CYS A 21 1.79 3.45 0.88
C CYS A 21 1.30 4.16 -0.38
N PHE A 22 0.25 3.61 -1.01
CA PHE A 22 -0.17 4.06 -2.35
C PHE A 22 -0.48 5.56 -2.41
N ILE A 23 -1.48 5.99 -1.67
CA ILE A 23 -1.94 7.38 -1.72
C ILE A 23 -0.87 8.27 -1.12
N GLU A 24 -0.22 7.73 -0.12
CA GLU A 24 0.86 8.40 0.59
C GLU A 24 1.94 8.81 -0.42
N CYS A 25 2.39 7.82 -1.18
CA CYS A 25 3.43 7.97 -2.21
C CYS A 25 2.91 8.77 -3.40
N LEU A 26 1.62 8.65 -3.63
CA LEU A 26 0.94 9.34 -4.72
C LEU A 26 0.98 10.86 -4.47
N LYS A 27 1.08 11.23 -3.21
CA LYS A 27 1.18 12.63 -2.85
C LYS A 27 2.64 12.96 -2.64
N GLY A 28 3.26 12.27 -1.72
CA GLY A 28 4.63 12.49 -1.40
C GLY A 28 4.86 12.28 0.04
N ILE A 29 5.56 11.24 0.35
CA ILE A 29 5.91 10.91 1.65
C ILE A 29 7.32 10.42 1.61
N GLY A 30 8.02 10.88 2.52
CA GLY A 30 9.39 10.44 2.77
C GLY A 30 9.45 9.00 3.25
N HIS A 31 10.16 8.73 4.29
CA HIS A 31 10.24 7.37 4.74
C HIS A 31 9.24 7.16 5.88
N LYS A 32 8.04 6.79 5.50
CA LYS A 32 6.99 6.59 6.47
C LYS A 32 6.68 5.10 6.67
N TYR A 33 6.85 4.32 5.62
CA TYR A 33 6.52 2.91 5.71
C TYR A 33 7.75 2.06 5.52
N PRO A 34 7.91 1.06 6.40
CA PRO A 34 9.10 0.17 6.45
C PRO A 34 9.25 -0.71 5.20
N PHE A 35 8.20 -0.81 4.46
CA PHE A 35 8.16 -1.64 3.28
C PHE A 35 8.03 -0.84 2.03
N CYS A 36 7.75 0.43 2.18
CA CYS A 36 7.43 1.24 1.05
C CYS A 36 8.64 1.61 0.26
N HIS A 37 8.71 1.06 -0.92
CA HIS A 37 9.76 1.36 -1.86
C HIS A 37 9.28 2.36 -2.87
N CYS A 38 7.98 2.68 -2.80
CA CYS A 38 7.39 3.69 -3.67
C CYS A 38 7.94 5.05 -3.28
N ARG A 39 8.12 5.19 -2.00
CA ARG A 39 8.67 6.40 -1.33
C ARG A 39 7.77 7.62 -1.58
N HIS A 1 -8.09 -0.03 -14.24
CA HIS A 1 -8.79 1.10 -14.79
C HIS A 1 -9.02 2.15 -13.73
N GLY A 2 -9.22 3.36 -14.16
CA GLY A 2 -9.48 4.45 -13.26
C GLY A 2 -8.22 5.08 -12.75
N GLU A 3 -8.35 6.28 -12.27
CA GLU A 3 -7.26 7.01 -11.67
C GLU A 3 -7.68 7.45 -10.27
N GLY A 4 -8.93 7.85 -10.16
CA GLY A 4 -9.52 8.18 -8.89
C GLY A 4 -10.64 7.24 -8.60
N THR A 5 -10.57 6.10 -9.25
CA THR A 5 -11.53 5.06 -9.09
C THR A 5 -10.76 3.76 -8.95
N PHE A 6 -10.85 3.17 -7.80
CA PHE A 6 -10.18 1.92 -7.55
C PHE A 6 -10.97 0.77 -8.19
N THR A 7 -10.34 0.10 -9.13
CA THR A 7 -10.95 -1.03 -9.75
C THR A 7 -10.38 -2.32 -9.12
N SER A 8 -11.21 -3.01 -8.41
CA SER A 8 -10.85 -4.18 -7.64
C SER A 8 -10.69 -5.40 -8.54
N ASP A 9 -9.64 -6.21 -8.28
CA ASP A 9 -9.37 -7.51 -9.00
C ASP A 9 -9.01 -7.28 -10.48
N LEU A 10 -8.74 -6.04 -10.81
CA LEU A 10 -8.43 -5.67 -12.18
C LEU A 10 -7.04 -6.15 -12.53
N SER A 11 -6.12 -5.94 -11.62
CA SER A 11 -4.78 -6.41 -11.83
C SER A 11 -4.66 -7.78 -11.17
N LYS A 12 -5.67 -8.12 -10.35
CA LYS A 12 -5.78 -9.39 -9.64
C LYS A 12 -4.54 -9.61 -8.75
N GLN A 13 -4.09 -8.52 -8.22
CA GLN A 13 -2.97 -8.48 -7.33
C GLN A 13 -3.51 -8.45 -5.91
N MET A 14 -2.66 -8.70 -4.96
CA MET A 14 -3.07 -8.65 -3.60
C MET A 14 -2.69 -7.31 -3.01
N GLU A 15 -3.64 -6.65 -2.45
CA GLU A 15 -3.41 -5.37 -1.80
C GLU A 15 -2.93 -5.66 -0.39
N GLU A 16 -1.65 -5.77 -0.23
CA GLU A 16 -1.11 -6.12 1.05
C GLU A 16 -0.23 -5.00 1.61
N GLU A 17 1.02 -4.93 1.20
CA GLU A 17 1.89 -3.94 1.64
C GLU A 17 2.38 -3.21 0.45
N ALA A 18 2.96 -2.11 0.73
CA ALA A 18 3.41 -1.08 -0.26
C ALA A 18 2.22 -0.44 -0.99
N VAL A 19 1.02 -0.83 -0.58
CA VAL A 19 -0.22 -0.22 -1.05
C VAL A 19 -0.74 0.65 0.06
N ARG A 20 -0.04 0.54 1.17
CA ARG A 20 -0.33 1.25 2.39
C ARG A 20 0.28 2.65 2.30
N CYS A 21 1.37 2.75 1.53
CA CYS A 21 2.04 4.03 1.33
C CYS A 21 1.79 4.57 -0.06
N PHE A 22 1.09 3.80 -0.87
CA PHE A 22 0.93 4.06 -2.29
C PHE A 22 0.33 5.44 -2.58
N ILE A 23 -0.89 5.67 -2.10
CA ILE A 23 -1.58 6.93 -2.34
C ILE A 23 -0.93 8.01 -1.50
N GLU A 24 -0.36 7.58 -0.39
CA GLU A 24 0.38 8.46 0.51
C GLU A 24 1.53 9.10 -0.25
N CYS A 25 2.20 8.28 -1.03
CA CYS A 25 3.34 8.68 -1.84
C CYS A 25 2.89 9.55 -3.01
N LEU A 26 1.70 9.26 -3.52
CA LEU A 26 1.12 10.06 -4.60
C LEU A 26 0.84 11.48 -4.10
N LYS A 27 0.60 11.59 -2.81
CA LYS A 27 0.42 12.88 -2.17
C LYS A 27 1.80 13.48 -1.85
N GLY A 28 2.63 12.72 -1.19
CA GLY A 28 3.97 13.15 -0.89
C GLY A 28 4.42 12.71 0.47
N ILE A 29 5.05 11.55 0.52
CA ILE A 29 5.57 11.01 1.71
C ILE A 29 6.91 10.40 1.41
N GLY A 30 7.88 10.92 1.99
CA GLY A 30 9.21 10.36 1.85
C GLY A 30 9.47 9.28 2.86
N HIS A 31 9.12 8.05 2.50
CA HIS A 31 9.32 6.84 3.31
C HIS A 31 8.63 6.93 4.70
N LYS A 32 7.42 6.44 4.77
CA LYS A 32 6.67 6.43 6.04
C LYS A 32 6.49 5.03 6.57
N TYR A 33 6.78 4.06 5.73
CA TYR A 33 6.57 2.68 6.06
C TYR A 33 7.81 1.92 5.63
N PRO A 34 8.25 0.92 6.41
CA PRO A 34 9.48 0.13 6.12
C PRO A 34 9.40 -0.58 4.76
N PHE A 35 8.24 -1.07 4.45
CA PHE A 35 7.95 -1.83 3.23
C PHE A 35 7.46 -0.93 2.12
N CYS A 36 7.64 0.35 2.30
CA CYS A 36 7.25 1.27 1.27
C CYS A 36 8.41 1.51 0.38
N HIS A 37 8.19 1.31 -0.88
CA HIS A 37 9.27 1.47 -1.84
C HIS A 37 9.00 2.61 -2.80
N CYS A 38 7.90 3.29 -2.61
CA CYS A 38 7.65 4.50 -3.38
C CYS A 38 8.43 5.60 -2.71
N ARG A 39 9.65 5.70 -3.11
CA ARG A 39 10.60 6.60 -2.52
C ARG A 39 11.30 7.42 -3.59
N HIS A 1 -2.11 4.74 13.31
CA HIS A 1 -3.44 4.36 12.84
C HIS A 1 -4.39 5.55 12.96
N GLY A 2 -4.31 6.23 14.08
CA GLY A 2 -5.13 7.38 14.32
C GLY A 2 -6.23 7.09 15.31
N GLU A 3 -6.90 8.15 15.77
CA GLU A 3 -8.03 8.08 16.70
C GLU A 3 -7.60 7.58 18.09
N GLY A 4 -6.32 7.68 18.36
CA GLY A 4 -5.79 7.19 19.63
C GLY A 4 -5.59 5.71 19.61
N THR A 5 -5.85 5.13 18.46
CA THR A 5 -5.70 3.75 18.26
C THR A 5 -4.34 3.52 17.66
N PHE A 6 -3.56 2.75 18.32
CA PHE A 6 -2.26 2.40 17.83
C PHE A 6 -2.29 0.98 17.37
N THR A 7 -1.58 0.69 16.34
CA THR A 7 -1.60 -0.61 15.78
C THR A 7 -0.18 -1.18 15.61
N SER A 8 0.13 -2.13 16.44
CA SER A 8 1.34 -2.88 16.37
C SER A 8 0.97 -4.30 16.68
N ASP A 9 0.73 -5.06 15.62
CA ASP A 9 0.29 -6.45 15.68
C ASP A 9 -1.08 -6.56 16.36
N LEU A 10 -1.90 -5.52 16.20
CA LEU A 10 -3.23 -5.51 16.85
C LEU A 10 -4.15 -6.48 16.13
N SER A 11 -4.10 -6.44 14.84
CA SER A 11 -4.85 -7.35 13.99
C SER A 11 -3.83 -8.28 13.33
N LYS A 12 -2.57 -7.91 13.51
CA LYS A 12 -1.40 -8.55 12.96
C LYS A 12 -1.49 -8.64 11.44
N GLN A 13 -1.88 -7.56 10.88
CA GLN A 13 -1.98 -7.42 9.45
C GLN A 13 -1.46 -6.07 9.06
N MET A 14 -0.90 -6.00 7.90
CA MET A 14 -0.41 -4.75 7.36
C MET A 14 -1.38 -4.32 6.28
N GLU A 15 -2.56 -5.01 6.26
CA GLU A 15 -3.63 -4.83 5.27
C GLU A 15 -3.19 -5.41 3.94
N GLU A 16 -2.16 -4.82 3.41
CA GLU A 16 -1.48 -5.24 2.23
C GLU A 16 -0.33 -4.31 2.04
N GLU A 17 0.81 -4.87 1.90
CA GLU A 17 1.97 -4.15 1.79
C GLU A 17 2.09 -3.63 0.39
N ALA A 18 2.57 -2.47 0.37
CA ALA A 18 2.82 -1.63 -0.79
C ALA A 18 1.55 -1.03 -1.39
N VAL A 19 0.41 -1.24 -0.75
CA VAL A 19 -0.77 -0.51 -1.15
C VAL A 19 -1.00 0.57 -0.11
N ARG A 20 -0.61 0.25 1.13
CA ARG A 20 -0.71 1.13 2.27
C ARG A 20 0.01 2.46 2.05
N CYS A 21 1.10 2.42 1.33
CA CYS A 21 1.88 3.63 1.08
C CYS A 21 1.68 4.12 -0.35
N PHE A 22 0.91 3.37 -1.13
CA PHE A 22 0.70 3.65 -2.55
C PHE A 22 0.15 5.06 -2.74
N ILE A 23 -0.97 5.34 -2.10
CA ILE A 23 -1.59 6.64 -2.20
C ILE A 23 -0.76 7.68 -1.43
N GLU A 24 -0.06 7.20 -0.41
CA GLU A 24 0.79 8.05 0.43
C GLU A 24 1.93 8.61 -0.40
N CYS A 25 2.47 7.77 -1.25
CA CYS A 25 3.55 8.13 -2.15
C CYS A 25 3.03 9.08 -3.23
N LEU A 26 1.81 8.81 -3.68
CA LEU A 26 1.12 9.67 -4.64
C LEU A 26 0.93 11.07 -4.03
N LYS A 27 0.68 11.09 -2.74
CA LYS A 27 0.52 12.31 -1.97
C LYS A 27 1.89 12.98 -1.75
N GLY A 28 2.80 12.25 -1.18
CA GLY A 28 4.13 12.74 -0.93
C GLY A 28 4.52 12.53 0.49
N ILE A 29 5.21 11.46 0.75
CA ILE A 29 5.70 11.14 2.01
C ILE A 29 7.08 10.60 1.80
N GLY A 30 7.99 11.18 2.45
CA GLY A 30 9.35 10.71 2.43
C GLY A 30 9.56 9.49 3.32
N HIS A 31 9.36 8.30 2.72
CA HIS A 31 9.57 6.96 3.32
C HIS A 31 9.07 6.85 4.77
N LYS A 32 7.81 6.51 4.93
CA LYS A 32 7.22 6.40 6.27
C LYS A 32 6.57 5.05 6.49
N TYR A 33 6.91 4.10 5.65
CA TYR A 33 6.37 2.75 5.72
C TYR A 33 7.46 1.79 5.25
N PRO A 34 7.63 0.64 5.91
CA PRO A 34 8.71 -0.34 5.62
C PRO A 34 8.70 -0.85 4.17
N PHE A 35 7.53 -1.13 3.68
CA PHE A 35 7.30 -1.67 2.34
C PHE A 35 7.09 -0.58 1.32
N CYS A 36 7.35 0.62 1.70
CA CYS A 36 7.11 1.72 0.82
C CYS A 36 8.37 2.09 0.08
N HIS A 37 8.47 1.55 -1.10
CA HIS A 37 9.58 1.78 -2.00
C HIS A 37 9.38 3.09 -2.77
N CYS A 38 9.09 4.13 -2.04
CA CYS A 38 8.84 5.43 -2.60
C CYS A 38 10.12 6.25 -2.48
N ARG A 39 10.18 7.37 -3.17
CA ARG A 39 11.37 8.19 -3.19
C ARG A 39 11.04 9.62 -2.82
N HIS A 1 -19.36 5.46 -7.43
CA HIS A 1 -18.07 4.86 -7.13
C HIS A 1 -17.09 5.98 -6.73
N GLY A 2 -15.92 5.61 -6.28
CA GLY A 2 -14.94 6.55 -5.88
C GLY A 2 -14.39 6.18 -4.54
N GLU A 3 -13.61 7.06 -3.96
CA GLU A 3 -13.00 6.87 -2.65
C GLU A 3 -12.04 5.69 -2.62
N GLY A 4 -10.84 5.93 -3.08
CA GLY A 4 -9.83 4.90 -3.13
C GLY A 4 -9.07 4.82 -1.84
N THR A 5 -9.79 4.77 -0.77
CA THR A 5 -9.24 4.59 0.51
C THR A 5 -9.46 3.15 0.90
N PHE A 6 -8.40 2.40 0.92
CA PHE A 6 -8.49 0.99 1.18
C PHE A 6 -8.21 0.74 2.63
N THR A 7 -8.87 -0.22 3.20
CA THR A 7 -8.71 -0.50 4.57
C THR A 7 -7.57 -1.50 4.73
N SER A 8 -6.46 -1.03 5.20
CA SER A 8 -5.32 -1.87 5.42
C SER A 8 -4.84 -1.64 6.83
N ASP A 9 -4.45 -2.71 7.52
CA ASP A 9 -3.99 -2.70 8.94
C ASP A 9 -5.17 -2.58 9.88
N LEU A 10 -6.08 -1.70 9.51
CA LEU A 10 -7.26 -1.34 10.25
C LEU A 10 -8.13 -2.57 10.54
N SER A 11 -8.31 -3.42 9.56
CA SER A 11 -9.11 -4.62 9.76
C SER A 11 -8.21 -5.87 9.75
N LYS A 12 -7.00 -5.69 9.19
CA LYS A 12 -5.91 -6.70 9.10
C LYS A 12 -6.34 -8.12 8.56
N GLN A 13 -7.51 -8.22 7.98
CA GLN A 13 -8.01 -9.50 7.49
C GLN A 13 -7.26 -9.98 6.25
N MET A 14 -7.24 -9.18 5.21
CA MET A 14 -6.46 -9.53 4.05
C MET A 14 -5.11 -8.85 4.17
N GLU A 15 -5.15 -7.54 4.22
CA GLU A 15 -4.00 -6.68 4.47
C GLU A 15 -2.91 -6.78 3.39
N GLU A 16 -2.90 -5.80 2.55
CA GLU A 16 -1.94 -5.71 1.50
C GLU A 16 -0.93 -4.62 1.86
N GLU A 17 0.29 -4.80 1.42
CA GLU A 17 1.30 -3.86 1.59
C GLU A 17 1.50 -3.22 0.24
N ALA A 18 2.27 -2.22 0.24
CA ALA A 18 2.54 -1.31 -0.89
C ALA A 18 1.27 -0.58 -1.36
N VAL A 19 0.16 -0.78 -0.67
CA VAL A 19 -1.03 0.00 -0.88
C VAL A 19 -1.01 1.08 0.18
N ARG A 20 -0.44 0.70 1.33
CA ARG A 20 -0.22 1.60 2.42
C ARG A 20 0.84 2.62 2.07
N CYS A 21 1.59 2.35 1.03
CA CYS A 21 2.56 3.32 0.51
C CYS A 21 2.06 3.94 -0.79
N PHE A 22 1.08 3.30 -1.40
CA PHE A 22 0.62 3.63 -2.74
C PHE A 22 0.06 5.04 -2.82
N ILE A 23 -1.01 5.28 -2.07
CA ILE A 23 -1.67 6.58 -2.08
C ILE A 23 -0.79 7.62 -1.39
N GLU A 24 -0.01 7.15 -0.44
CA GLU A 24 0.86 8.01 0.34
C GLU A 24 1.97 8.55 -0.53
N CYS A 25 2.52 7.70 -1.38
CA CYS A 25 3.54 8.10 -2.33
C CYS A 25 2.95 8.98 -3.40
N LEU A 26 1.68 8.74 -3.71
CA LEU A 26 0.95 9.55 -4.65
C LEU A 26 0.89 10.99 -4.12
N LYS A 27 0.83 11.12 -2.80
CA LYS A 27 0.85 12.42 -2.14
C LYS A 27 2.31 12.91 -2.10
N GLY A 28 3.16 12.09 -1.53
CA GLY A 28 4.56 12.39 -1.45
C GLY A 28 5.05 12.30 -0.06
N ILE A 29 5.51 11.14 0.31
CA ILE A 29 6.06 10.89 1.56
C ILE A 29 7.28 10.08 1.36
N GLY A 30 8.29 10.56 1.91
CA GLY A 30 9.54 9.87 1.89
C GLY A 30 9.72 8.98 3.10
N HIS A 31 9.77 7.67 2.85
CA HIS A 31 10.00 6.60 3.82
C HIS A 31 9.21 6.74 5.12
N LYS A 32 8.00 6.20 5.13
CA LYS A 32 7.14 6.24 6.32
C LYS A 32 6.60 4.85 6.66
N TYR A 33 6.95 3.88 5.86
CA TYR A 33 6.54 2.51 6.04
C TYR A 33 7.69 1.64 5.59
N PRO A 34 7.96 0.50 6.26
CA PRO A 34 9.07 -0.42 5.93
C PRO A 34 9.15 -0.77 4.43
N PHE A 35 8.03 -1.14 3.89
CA PHE A 35 7.89 -1.57 2.50
C PHE A 35 7.60 -0.39 1.58
N CYS A 36 7.88 0.78 2.05
CA CYS A 36 7.58 1.97 1.30
C CYS A 36 8.83 2.67 0.90
N HIS A 37 9.20 2.50 -0.34
CA HIS A 37 10.38 3.15 -0.86
C HIS A 37 9.98 4.15 -1.91
N CYS A 38 8.69 4.21 -2.18
CA CYS A 38 8.15 5.13 -3.13
C CYS A 38 8.05 6.48 -2.46
N ARG A 39 8.97 7.33 -2.77
CA ARG A 39 9.09 8.61 -2.11
C ARG A 39 8.36 9.69 -2.88
N HIS A 1 -11.98 -4.43 -21.09
CA HIS A 1 -12.80 -4.14 -22.26
C HIS A 1 -13.25 -5.43 -22.89
N GLY A 2 -14.20 -5.35 -23.79
CA GLY A 2 -14.69 -6.52 -24.45
C GLY A 2 -16.01 -6.97 -23.87
N GLU A 3 -16.35 -8.19 -24.12
CA GLU A 3 -17.60 -8.74 -23.65
C GLU A 3 -17.37 -10.10 -23.03
N GLY A 4 -17.70 -10.22 -21.77
CA GLY A 4 -17.64 -11.48 -21.11
C GLY A 4 -16.30 -11.77 -20.47
N THR A 5 -15.64 -10.76 -20.00
CA THR A 5 -14.40 -10.93 -19.33
C THR A 5 -14.58 -10.63 -17.84
N PHE A 6 -14.47 -11.64 -17.02
CA PHE A 6 -14.65 -11.48 -15.59
C PHE A 6 -13.36 -11.79 -14.87
N THR A 7 -12.95 -10.94 -13.99
CA THR A 7 -11.75 -11.17 -13.25
C THR A 7 -12.02 -10.95 -11.77
N SER A 8 -12.06 -12.02 -11.03
CA SER A 8 -12.31 -11.97 -9.62
C SER A 8 -11.67 -13.18 -8.95
N ASP A 9 -10.64 -12.90 -8.14
CA ASP A 9 -9.85 -13.94 -7.43
C ASP A 9 -9.05 -14.77 -8.44
N LEU A 10 -8.98 -14.24 -9.65
CA LEU A 10 -8.29 -14.85 -10.76
C LEU A 10 -6.81 -14.57 -10.61
N SER A 11 -6.50 -13.35 -10.27
CA SER A 11 -5.12 -12.99 -10.05
C SER A 11 -4.80 -13.22 -8.58
N LYS A 12 -5.88 -13.36 -7.78
CA LYS A 12 -5.84 -13.67 -6.33
C LYS A 12 -5.04 -12.60 -5.55
N GLN A 13 -5.06 -11.43 -6.10
CA GLN A 13 -4.32 -10.33 -5.54
C GLN A 13 -5.12 -9.64 -4.45
N MET A 14 -4.43 -9.21 -3.44
CA MET A 14 -5.00 -8.51 -2.33
C MET A 14 -3.97 -7.53 -1.86
N GLU A 15 -3.97 -6.37 -2.46
CA GLU A 15 -3.02 -5.33 -2.17
C GLU A 15 -3.22 -4.82 -0.76
N GLU A 16 -2.44 -5.32 0.14
CA GLU A 16 -2.49 -4.93 1.51
C GLU A 16 -1.22 -4.23 1.93
N GLU A 17 -0.12 -4.62 1.35
CA GLU A 17 1.11 -4.09 1.65
C GLU A 17 1.70 -3.50 0.41
N ALA A 18 2.62 -2.64 0.62
CA ALA A 18 3.30 -1.80 -0.41
C ALA A 18 2.30 -0.92 -1.20
N VAL A 19 1.06 -0.95 -0.79
CA VAL A 19 0.05 -0.09 -1.30
C VAL A 19 -0.29 0.93 -0.23
N ARG A 20 0.03 0.56 1.02
CA ARG A 20 -0.22 1.39 2.18
C ARG A 20 0.58 2.68 2.17
N CYS A 21 1.74 2.65 1.56
CA CYS A 21 2.53 3.84 1.43
C CYS A 21 2.47 4.34 0.01
N PHE A 22 1.87 3.56 -0.87
CA PHE A 22 1.85 3.84 -2.29
C PHE A 22 1.01 5.07 -2.58
N ILE A 23 -0.21 5.04 -2.09
CA ILE A 23 -1.14 6.13 -2.31
C ILE A 23 -0.68 7.36 -1.53
N GLU A 24 -0.01 7.12 -0.43
CA GLU A 24 0.47 8.16 0.45
C GLU A 24 1.70 8.84 -0.15
N CYS A 25 2.52 8.03 -0.76
CA CYS A 25 3.72 8.47 -1.47
C CYS A 25 3.33 9.33 -2.65
N LEU A 26 2.17 9.05 -3.18
CA LEU A 26 1.63 9.77 -4.31
C LEU A 26 1.12 11.16 -3.86
N LYS A 27 1.14 11.41 -2.54
CA LYS A 27 0.74 12.68 -2.01
C LYS A 27 1.47 13.14 -0.73
N GLY A 28 2.72 13.50 -0.88
CA GLY A 28 3.44 14.17 0.19
C GLY A 28 4.41 13.36 1.04
N ILE A 29 4.24 12.06 1.16
CA ILE A 29 5.07 11.35 2.07
C ILE A 29 5.97 10.37 1.37
N GLY A 30 7.17 10.67 1.49
CA GLY A 30 8.24 9.82 1.02
C GLY A 30 8.80 8.96 2.13
N HIS A 31 8.41 7.68 2.13
CA HIS A 31 8.87 6.67 3.10
C HIS A 31 8.37 6.92 4.52
N LYS A 32 7.20 6.40 4.82
CA LYS A 32 6.64 6.48 6.16
C LYS A 32 6.44 5.05 6.70
N TYR A 33 6.75 4.08 5.86
CA TYR A 33 6.52 2.69 6.15
C TYR A 33 7.76 1.90 5.74
N PRO A 34 8.09 0.83 6.47
CA PRO A 34 9.29 -0.01 6.19
C PRO A 34 9.32 -0.59 4.75
N PHE A 35 8.16 -0.94 4.26
CA PHE A 35 7.99 -1.54 2.94
C PHE A 35 7.62 -0.48 1.90
N CYS A 36 7.89 0.75 2.23
CA CYS A 36 7.60 1.84 1.36
C CYS A 36 8.78 2.13 0.48
N HIS A 37 8.74 1.57 -0.70
CA HIS A 37 9.81 1.69 -1.64
C HIS A 37 9.57 2.83 -2.59
N CYS A 38 8.34 3.29 -2.65
CA CYS A 38 7.93 4.40 -3.49
C CYS A 38 8.70 5.65 -3.13
N ARG A 39 9.65 6.01 -3.94
CA ARG A 39 10.48 7.17 -3.72
C ARG A 39 10.94 7.72 -5.06
N HIS A 1 -17.08 -3.98 21.07
CA HIS A 1 -17.57 -5.23 20.50
C HIS A 1 -16.44 -6.21 20.34
N GLY A 2 -15.34 -5.76 19.77
CA GLY A 2 -14.22 -6.63 19.57
C GLY A 2 -14.45 -7.56 18.40
N GLU A 3 -13.85 -8.75 18.47
CA GLU A 3 -13.92 -9.79 17.43
C GLU A 3 -13.07 -9.39 16.21
N GLY A 4 -12.44 -10.38 15.63
CA GLY A 4 -11.61 -10.16 14.48
C GLY A 4 -12.46 -10.18 13.24
N THR A 5 -13.21 -9.14 13.06
CA THR A 5 -14.08 -9.01 11.93
C THR A 5 -13.39 -8.21 10.84
N PHE A 6 -13.08 -8.86 9.76
CA PHE A 6 -12.49 -8.20 8.64
C PHE A 6 -13.59 -8.05 7.60
N THR A 7 -13.77 -6.86 7.11
CA THR A 7 -14.81 -6.61 6.17
C THR A 7 -14.28 -6.85 4.75
N SER A 8 -14.91 -7.75 4.05
CA SER A 8 -14.54 -8.07 2.70
C SER A 8 -14.78 -6.87 1.79
N ASP A 9 -13.86 -6.65 0.85
CA ASP A 9 -13.97 -5.60 -0.18
C ASP A 9 -13.90 -4.20 0.46
N LEU A 10 -13.26 -4.15 1.62
CA LEU A 10 -13.10 -2.91 2.39
C LEU A 10 -12.07 -2.04 1.69
N SER A 11 -10.99 -2.65 1.27
CA SER A 11 -9.96 -1.96 0.54
C SER A 11 -10.00 -2.40 -0.91
N LYS A 12 -10.72 -3.53 -1.12
CA LYS A 12 -10.99 -4.13 -2.42
C LYS A 12 -9.71 -4.70 -3.07
N GLN A 13 -8.69 -4.81 -2.26
CA GLN A 13 -7.42 -5.35 -2.69
C GLN A 13 -6.83 -6.16 -1.56
N MET A 14 -6.24 -7.28 -1.88
CA MET A 14 -5.55 -8.11 -0.88
C MET A 14 -4.23 -7.45 -0.51
N GLU A 15 -3.78 -6.62 -1.40
CA GLU A 15 -2.58 -5.85 -1.25
C GLU A 15 -2.74 -4.86 -0.11
N GLU A 16 -1.85 -4.90 0.84
CA GLU A 16 -1.78 -3.89 1.86
C GLU A 16 -0.41 -3.28 1.86
N GLU A 17 0.59 -4.11 1.67
CA GLU A 17 1.89 -3.67 1.57
C GLU A 17 2.10 -3.18 0.16
N ALA A 18 2.68 -2.05 0.13
CA ALA A 18 2.98 -1.25 -1.05
C ALA A 18 1.73 -0.57 -1.63
N VAL A 19 0.59 -0.67 -0.94
CA VAL A 19 -0.54 0.16 -1.29
C VAL A 19 -0.72 1.21 -0.20
N ARG A 20 -0.41 0.79 1.03
CA ARG A 20 -0.37 1.69 2.18
C ARG A 20 0.69 2.77 1.99
N CYS A 21 1.64 2.47 1.15
CA CYS A 21 2.71 3.40 0.82
C CYS A 21 2.32 4.15 -0.43
N PHE A 22 1.68 3.42 -1.33
CA PHE A 22 1.29 3.89 -2.65
C PHE A 22 0.41 5.13 -2.55
N ILE A 23 -0.73 4.99 -1.87
CA ILE A 23 -1.72 6.06 -1.77
C ILE A 23 -1.13 7.29 -1.07
N GLU A 24 -0.27 7.05 -0.10
CA GLU A 24 0.32 8.12 0.67
C GLU A 24 1.43 8.79 -0.13
N CYS A 25 2.22 7.98 -0.83
CA CYS A 25 3.32 8.49 -1.66
C CYS A 25 2.78 9.24 -2.86
N LEU A 26 1.58 8.85 -3.28
CA LEU A 26 0.86 9.52 -4.34
C LEU A 26 0.64 10.99 -3.95
N LYS A 27 0.52 11.21 -2.65
CA LYS A 27 0.40 12.54 -2.09
C LYS A 27 1.82 13.08 -1.92
N GLY A 28 2.63 12.34 -1.17
CA GLY A 28 4.01 12.69 -0.96
C GLY A 28 4.45 12.38 0.44
N ILE A 29 5.08 11.24 0.61
CA ILE A 29 5.62 10.82 1.85
C ILE A 29 6.94 10.17 1.60
N GLY A 30 7.89 10.69 2.21
CA GLY A 30 9.22 10.15 2.14
C GLY A 30 9.38 8.91 3.02
N HIS A 31 9.10 7.74 2.42
CA HIS A 31 9.22 6.41 3.05
C HIS A 31 8.60 6.36 4.46
N LYS A 32 7.30 6.20 4.52
CA LYS A 32 6.57 6.28 5.79
C LYS A 32 6.31 4.88 6.40
N TYR A 33 6.77 3.85 5.71
CA TYR A 33 6.52 2.48 6.15
C TYR A 33 7.73 1.64 5.83
N PRO A 34 7.96 0.54 6.57
CA PRO A 34 9.08 -0.39 6.33
C PRO A 34 9.09 -0.91 4.87
N PHE A 35 7.92 -1.24 4.38
CA PHE A 35 7.73 -1.78 3.03
C PHE A 35 7.45 -0.67 2.02
N CYS A 36 7.76 0.53 2.39
CA CYS A 36 7.55 1.65 1.53
C CYS A 36 8.85 2.04 0.88
N HIS A 37 8.90 1.91 -0.43
CA HIS A 37 10.10 2.21 -1.18
C HIS A 37 9.81 3.23 -2.26
N CYS A 38 8.67 3.86 -2.16
CA CYS A 38 8.27 4.86 -3.11
C CYS A 38 9.07 6.13 -2.88
N ARG A 39 9.84 6.51 -3.86
CA ARG A 39 10.69 7.67 -3.77
C ARG A 39 10.09 8.82 -4.58
N HIS A 1 -7.25 -9.12 -20.41
CA HIS A 1 -6.63 -8.64 -21.61
C HIS A 1 -6.30 -7.19 -21.45
N GLY A 2 -5.64 -6.63 -22.42
CA GLY A 2 -5.30 -5.25 -22.37
C GLY A 2 -3.81 -5.07 -22.37
N GLU A 3 -3.38 -3.87 -22.13
CA GLU A 3 -1.98 -3.58 -22.08
C GLU A 3 -1.44 -3.96 -20.71
N GLY A 4 -2.06 -3.42 -19.68
CA GLY A 4 -1.69 -3.76 -18.34
C GLY A 4 -2.44 -4.98 -17.90
N THR A 5 -1.84 -6.11 -18.12
CA THR A 5 -2.46 -7.36 -17.83
C THR A 5 -2.08 -7.90 -16.46
N PHE A 6 -3.03 -7.87 -15.56
CA PHE A 6 -2.84 -8.48 -14.27
C PHE A 6 -3.33 -9.90 -14.41
N THR A 7 -2.53 -10.84 -14.04
CA THR A 7 -2.89 -12.21 -14.21
C THR A 7 -3.38 -12.83 -12.90
N SER A 8 -4.43 -13.61 -13.02
CA SER A 8 -5.09 -14.23 -11.90
C SER A 8 -4.24 -15.36 -11.30
N ASP A 9 -3.48 -15.01 -10.26
CA ASP A 9 -2.67 -15.95 -9.43
C ASP A 9 -1.49 -16.58 -10.13
N LEU A 10 -1.30 -16.26 -11.40
CA LEU A 10 -0.16 -16.79 -12.15
C LEU A 10 1.10 -16.13 -11.64
N SER A 11 1.04 -14.84 -11.42
CA SER A 11 2.16 -14.10 -10.88
C SER A 11 2.08 -14.15 -9.36
N LYS A 12 0.91 -14.58 -8.86
CA LYS A 12 0.57 -14.71 -7.46
C LYS A 12 0.99 -13.56 -6.60
N GLN A 13 0.51 -12.45 -6.98
CA GLN A 13 0.73 -11.21 -6.28
C GLN A 13 -0.29 -11.05 -5.19
N MET A 14 0.17 -10.70 -4.05
CA MET A 14 -0.65 -10.41 -2.91
C MET A 14 -0.14 -9.14 -2.33
N GLU A 15 -0.81 -8.07 -2.62
CA GLU A 15 -0.42 -6.78 -2.12
C GLU A 15 -1.05 -6.56 -0.75
N GLU A 16 -0.35 -6.99 0.31
CA GLU A 16 -0.81 -6.77 1.68
C GLU A 16 -0.40 -5.38 2.09
N GLU A 17 0.63 -4.92 1.42
CA GLU A 17 1.16 -3.65 1.53
C GLU A 17 1.16 -3.04 0.15
N ALA A 18 1.97 -2.05 -0.07
CA ALA A 18 2.08 -1.30 -1.34
C ALA A 18 0.79 -0.54 -1.70
N VAL A 19 -0.17 -0.53 -0.81
CA VAL A 19 -1.33 0.33 -0.95
C VAL A 19 -1.18 1.40 0.10
N ARG A 20 -0.79 0.93 1.29
CA ARG A 20 -0.40 1.77 2.43
C ARG A 20 0.83 2.61 2.08
N CYS A 21 1.48 2.27 1.00
CA CYS A 21 2.61 3.03 0.52
C CYS A 21 2.22 3.85 -0.72
N PHE A 22 1.25 3.34 -1.44
CA PHE A 22 0.89 3.86 -2.75
C PHE A 22 0.31 5.26 -2.67
N ILE A 23 -0.85 5.40 -2.06
CA ILE A 23 -1.56 6.69 -1.99
C ILE A 23 -0.72 7.70 -1.22
N GLU A 24 0.02 7.19 -0.28
CA GLU A 24 0.88 8.01 0.57
C GLU A 24 2.03 8.57 -0.25
N CYS A 25 2.65 7.74 -1.07
CA CYS A 25 3.72 8.19 -1.94
C CYS A 25 3.17 9.18 -2.97
N LEU A 26 1.92 8.98 -3.37
CA LEU A 26 1.23 9.92 -4.27
C LEU A 26 0.91 11.25 -3.56
N LYS A 27 0.96 11.27 -2.24
CA LYS A 27 0.79 12.51 -1.48
C LYS A 27 2.08 13.31 -1.51
N GLY A 28 3.17 12.59 -1.54
CA GLY A 28 4.47 13.21 -1.53
C GLY A 28 5.21 12.91 -0.26
N ILE A 29 5.05 11.72 0.24
CA ILE A 29 5.74 11.31 1.40
C ILE A 29 6.52 10.09 1.00
N GLY A 30 7.75 10.26 1.04
CA GLY A 30 8.67 9.21 0.75
C GLY A 30 8.97 8.36 1.94
N HIS A 31 9.13 7.07 1.71
CA HIS A 31 9.49 6.09 2.71
C HIS A 31 8.37 5.90 3.76
N LYS A 32 8.54 6.54 4.89
CA LYS A 32 7.67 6.49 6.05
C LYS A 32 7.37 5.05 6.59
N TYR A 33 6.76 4.24 5.78
CA TYR A 33 6.32 2.91 6.15
C TYR A 33 7.43 1.90 5.92
N PRO A 34 7.53 0.87 6.78
CA PRO A 34 8.58 -0.16 6.72
C PRO A 34 8.79 -0.75 5.32
N PHE A 35 7.69 -1.03 4.67
CA PHE A 35 7.66 -1.63 3.36
C PHE A 35 7.63 -0.61 2.24
N CYS A 36 7.64 0.64 2.59
CA CYS A 36 7.52 1.67 1.60
C CYS A 36 8.86 2.27 1.30
N HIS A 37 9.23 2.17 0.06
CA HIS A 37 10.48 2.72 -0.42
C HIS A 37 10.22 3.73 -1.52
N CYS A 38 8.94 4.00 -1.75
CA CYS A 38 8.51 4.95 -2.75
C CYS A 38 8.75 6.36 -2.23
N ARG A 39 9.06 7.26 -3.12
CA ARG A 39 9.38 8.64 -2.80
C ARG A 39 9.17 9.51 -4.02
N HIS A 1 -17.87 -21.49 8.34
CA HIS A 1 -18.83 -21.56 7.26
C HIS A 1 -19.07 -20.15 6.74
N GLY A 2 -19.01 -19.98 5.44
CA GLY A 2 -19.25 -18.68 4.85
C GLY A 2 -18.12 -18.29 3.94
N GLU A 3 -17.98 -17.01 3.69
CA GLU A 3 -16.93 -16.52 2.82
C GLU A 3 -15.64 -16.33 3.60
N GLY A 4 -14.58 -16.09 2.89
CA GLY A 4 -13.31 -15.89 3.51
C GLY A 4 -12.58 -14.76 2.86
N THR A 5 -11.40 -14.49 3.32
CA THR A 5 -10.59 -13.46 2.76
C THR A 5 -9.67 -14.11 1.74
N PHE A 6 -9.92 -13.83 0.49
CA PHE A 6 -9.20 -14.45 -0.58
C PHE A 6 -8.22 -13.47 -1.17
N THR A 7 -7.00 -13.89 -1.30
CA THR A 7 -5.96 -13.05 -1.83
C THR A 7 -5.21 -13.78 -2.90
N SER A 8 -5.36 -13.31 -4.08
CA SER A 8 -4.76 -13.89 -5.22
C SER A 8 -4.79 -12.83 -6.32
N ASP A 9 -4.63 -13.25 -7.53
CA ASP A 9 -4.66 -12.36 -8.68
C ASP A 9 -6.07 -11.83 -8.97
N LEU A 10 -7.02 -12.16 -8.08
CA LEU A 10 -8.38 -11.65 -8.16
C LEU A 10 -8.31 -10.13 -8.09
N SER A 11 -7.52 -9.64 -7.16
CA SER A 11 -7.24 -8.23 -7.09
C SER A 11 -5.78 -7.99 -7.43
N LYS A 12 -4.97 -9.09 -7.39
CA LYS A 12 -3.50 -9.12 -7.59
C LYS A 12 -2.77 -8.15 -6.66
N GLN A 13 -3.43 -7.95 -5.57
CA GLN A 13 -3.04 -7.09 -4.48
C GLN A 13 -3.40 -7.79 -3.19
N MET A 14 -2.88 -7.30 -2.11
CA MET A 14 -3.20 -7.83 -0.79
C MET A 14 -3.64 -6.64 0.07
N GLU A 15 -4.27 -6.91 1.20
CA GLU A 15 -4.80 -5.90 2.12
C GLU A 15 -3.72 -4.89 2.53
N GLU A 16 -2.52 -5.36 2.71
CA GLU A 16 -1.43 -4.49 3.05
C GLU A 16 -0.34 -4.62 1.96
N GLU A 17 0.78 -3.90 2.13
CA GLU A 17 1.91 -3.76 1.19
C GLU A 17 1.51 -3.19 -0.18
N ALA A 18 2.25 -2.19 -0.56
CA ALA A 18 2.13 -1.46 -1.85
C ALA A 18 0.78 -0.76 -2.05
N VAL A 19 -0.08 -0.82 -1.06
CA VAL A 19 -1.29 -0.04 -1.04
C VAL A 19 -1.10 1.03 0.03
N ARG A 20 -0.44 0.61 1.12
CA ARG A 20 -0.04 1.46 2.24
C ARG A 20 0.89 2.56 1.77
N CYS A 21 1.63 2.26 0.73
CA CYS A 21 2.61 3.18 0.22
C CYS A 21 2.09 3.83 -1.07
N PHE A 22 1.01 3.29 -1.62
CA PHE A 22 0.51 3.68 -2.94
C PHE A 22 -0.11 5.08 -2.88
N ILE A 23 -1.21 5.15 -2.17
CA ILE A 23 -2.04 6.34 -2.09
C ILE A 23 -1.30 7.47 -1.38
N GLU A 24 -0.36 7.07 -0.56
CA GLU A 24 0.40 7.99 0.24
C GLU A 24 1.54 8.54 -0.59
N CYS A 25 2.11 7.71 -1.47
CA CYS A 25 3.18 8.13 -2.37
C CYS A 25 2.64 9.19 -3.31
N LEU A 26 1.37 9.05 -3.66
CA LEU A 26 0.66 10.01 -4.52
C LEU A 26 0.59 11.39 -3.85
N LYS A 27 0.72 11.41 -2.53
CA LYS A 27 0.72 12.65 -1.77
C LYS A 27 2.16 13.15 -1.66
N GLY A 28 3.02 12.24 -1.30
CA GLY A 28 4.42 12.55 -1.13
C GLY A 28 4.87 12.19 0.24
N ILE A 29 5.32 11.00 0.38
CA ILE A 29 5.81 10.52 1.58
C ILE A 29 7.00 9.71 1.23
N GLY A 30 8.02 9.98 1.89
CA GLY A 30 9.23 9.20 1.80
C GLY A 30 9.09 7.83 2.46
N HIS A 31 10.05 7.47 3.25
CA HIS A 31 10.02 6.19 3.93
C HIS A 31 9.15 6.31 5.19
N LYS A 32 7.85 6.24 4.98
CA LYS A 32 6.88 6.34 6.06
C LYS A 32 6.59 4.95 6.63
N TYR A 33 6.80 3.94 5.81
CA TYR A 33 6.53 2.58 6.19
C TYR A 33 7.76 1.77 5.85
N PRO A 34 8.12 0.76 6.68
CA PRO A 34 9.35 -0.06 6.49
C PRO A 34 9.46 -0.75 5.12
N PHE A 35 8.33 -0.89 4.47
CA PHE A 35 8.23 -1.56 3.19
C PHE A 35 7.80 -0.59 2.10
N CYS A 36 7.86 0.67 2.38
CA CYS A 36 7.48 1.68 1.43
C CYS A 36 8.72 2.25 0.78
N HIS A 37 8.78 2.14 -0.52
CA HIS A 37 9.94 2.58 -1.26
C HIS A 37 9.60 3.73 -2.20
N CYS A 38 8.67 4.58 -1.76
CA CYS A 38 8.34 5.79 -2.50
C CYS A 38 9.56 6.72 -2.48
N ARG A 39 9.62 7.67 -3.38
CA ARG A 39 10.79 8.52 -3.48
C ARG A 39 10.43 9.95 -3.14
N HIS A 1 9.28 -2.96 -9.32
CA HIS A 1 10.48 -3.78 -9.30
C HIS A 1 10.53 -4.62 -8.03
N GLY A 2 10.57 -5.90 -8.20
CA GLY A 2 10.60 -6.81 -7.10
C GLY A 2 9.58 -7.89 -7.27
N GLU A 3 9.75 -8.96 -6.56
CA GLU A 3 8.87 -10.09 -6.64
C GLU A 3 7.73 -9.92 -5.65
N GLY A 4 6.56 -9.62 -6.17
CA GLY A 4 5.40 -9.46 -5.34
C GLY A 4 4.89 -10.80 -4.88
N THR A 5 5.47 -11.28 -3.83
CA THR A 5 5.15 -12.55 -3.29
C THR A 5 4.13 -12.38 -2.17
N PHE A 6 2.93 -12.83 -2.41
CA PHE A 6 1.87 -12.72 -1.46
C PHE A 6 1.83 -13.95 -0.60
N THR A 7 1.98 -13.76 0.68
CA THR A 7 1.94 -14.85 1.62
C THR A 7 0.60 -14.80 2.36
N SER A 8 -0.11 -15.91 2.40
CA SER A 8 -1.41 -15.96 3.01
C SER A 8 -1.31 -15.71 4.50
N ASP A 9 -2.16 -14.79 4.96
CA ASP A 9 -2.32 -14.44 6.37
C ASP A 9 -1.04 -13.87 6.94
N LEU A 10 -0.20 -13.32 6.06
CA LEU A 10 1.08 -12.76 6.46
C LEU A 10 0.82 -11.58 7.37
N SER A 11 -0.12 -10.76 7.00
CA SER A 11 -0.49 -9.67 7.83
C SER A 11 -1.89 -9.91 8.40
N LYS A 12 -2.60 -10.87 7.76
CA LYS A 12 -3.91 -11.39 8.18
C LYS A 12 -5.00 -10.30 8.29
N GLN A 13 -4.72 -9.14 7.76
CA GLN A 13 -5.65 -8.03 7.76
C GLN A 13 -5.57 -7.35 6.42
N MET A 14 -6.63 -6.68 6.02
CA MET A 14 -6.63 -5.99 4.74
C MET A 14 -5.96 -4.63 4.85
N GLU A 15 -4.67 -4.69 4.99
CA GLU A 15 -3.80 -3.58 5.05
C GLU A 15 -2.50 -4.08 4.42
N GLU A 16 -2.39 -3.89 3.14
CA GLU A 16 -1.35 -4.52 2.36
C GLU A 16 -0.27 -3.56 1.90
N GLU A 17 0.91 -4.12 1.70
CA GLU A 17 2.03 -3.48 1.22
C GLU A 17 1.74 -3.08 -0.21
N ALA A 18 2.41 -2.09 -0.59
CA ALA A 18 2.32 -1.41 -1.89
C ALA A 18 0.93 -0.82 -2.15
N VAL A 19 0.04 -0.88 -1.18
CA VAL A 19 -1.23 -0.20 -1.24
C VAL A 19 -1.13 0.92 -0.25
N ARG A 20 -0.68 0.54 0.94
CA ARG A 20 -0.45 1.45 2.04
C ARG A 20 0.79 2.30 1.83
N CYS A 21 1.49 2.04 0.78
CA CYS A 21 2.58 2.87 0.36
C CYS A 21 2.14 3.69 -0.84
N PHE A 22 1.26 3.10 -1.63
CA PHE A 22 0.85 3.63 -2.91
C PHE A 22 0.09 4.93 -2.78
N ILE A 23 -1.03 4.88 -2.06
CA ILE A 23 -1.92 6.03 -1.90
C ILE A 23 -1.19 7.17 -1.16
N GLU A 24 -0.31 6.79 -0.27
CA GLU A 24 0.44 7.72 0.54
C GLU A 24 1.52 8.38 -0.32
N CYS A 25 2.10 7.58 -1.21
CA CYS A 25 3.16 8.05 -2.09
C CYS A 25 2.62 9.08 -3.07
N LEU A 26 1.34 8.92 -3.42
CA LEU A 26 0.66 9.85 -4.30
C LEU A 26 0.56 11.23 -3.64
N LYS A 27 0.60 11.26 -2.32
CA LYS A 27 0.60 12.52 -1.58
C LYS A 27 2.00 13.09 -1.62
N GLY A 28 2.94 12.29 -1.19
CA GLY A 28 4.31 12.68 -1.15
C GLY A 28 4.90 12.46 0.20
N ILE A 29 5.23 11.23 0.47
CA ILE A 29 5.76 10.87 1.70
C ILE A 29 7.01 10.08 1.46
N GLY A 30 8.02 10.58 1.98
CA GLY A 30 9.30 9.94 1.94
C GLY A 30 9.33 8.70 2.78
N HIS A 31 9.19 7.56 2.12
CA HIS A 31 9.20 6.23 2.70
C HIS A 31 8.13 6.01 3.76
N LYS A 32 8.41 6.41 4.97
CA LYS A 32 7.53 6.28 6.14
C LYS A 32 7.36 4.83 6.59
N TYR A 33 6.73 4.07 5.77
CA TYR A 33 6.40 2.71 6.07
C TYR A 33 7.60 1.85 5.76
N PRO A 34 7.87 0.82 6.57
CA PRO A 34 9.03 -0.08 6.43
C PRO A 34 9.13 -0.68 5.02
N PHE A 35 8.01 -1.01 4.46
CA PHE A 35 7.89 -1.64 3.16
C PHE A 35 7.67 -0.63 2.05
N CYS A 36 7.68 0.62 2.38
CA CYS A 36 7.40 1.64 1.40
C CYS A 36 8.68 2.21 0.85
N HIS A 37 8.84 2.09 -0.45
CA HIS A 37 10.01 2.57 -1.16
C HIS A 37 9.66 3.86 -1.92
N CYS A 38 8.74 4.63 -1.37
CA CYS A 38 8.32 5.89 -1.99
C CYS A 38 9.42 6.93 -1.89
N ARG A 39 10.05 7.18 -3.01
CA ARG A 39 11.18 8.10 -3.08
C ARG A 39 11.28 8.66 -4.49
N HIS A 1 -24.45 -4.03 -10.68
CA HIS A 1 -23.88 -4.01 -9.34
C HIS A 1 -22.74 -3.02 -9.30
N GLY A 2 -22.49 -2.44 -10.43
CA GLY A 2 -21.44 -1.48 -10.58
C GLY A 2 -20.27 -2.08 -11.27
N GLU A 3 -19.41 -1.25 -11.78
CA GLU A 3 -18.25 -1.74 -12.47
C GLU A 3 -17.13 -2.07 -11.52
N GLY A 4 -16.92 -1.23 -10.54
CA GLY A 4 -15.89 -1.46 -9.56
C GLY A 4 -16.35 -2.48 -8.55
N THR A 5 -16.07 -3.71 -8.82
CA THR A 5 -16.47 -4.76 -7.95
C THR A 5 -15.29 -5.22 -7.11
N PHE A 6 -15.34 -4.90 -5.85
CA PHE A 6 -14.34 -5.28 -4.92
C PHE A 6 -14.96 -6.17 -3.91
N THR A 7 -14.70 -7.41 -4.02
CA THR A 7 -15.27 -8.36 -3.15
C THR A 7 -14.16 -9.17 -2.51
N SER A 8 -14.36 -9.52 -1.27
CA SER A 8 -13.43 -10.29 -0.50
C SER A 8 -13.24 -11.65 -1.13
N ASP A 9 -12.08 -12.23 -0.91
CA ASP A 9 -11.70 -13.58 -1.38
C ASP A 9 -11.33 -13.57 -2.85
N LEU A 10 -11.87 -12.63 -3.60
CA LEU A 10 -11.53 -12.45 -5.00
C LEU A 10 -10.06 -12.03 -5.09
N SER A 11 -9.67 -11.12 -4.23
CA SER A 11 -8.30 -10.68 -4.15
C SER A 11 -7.45 -11.67 -3.33
N LYS A 12 -8.16 -12.54 -2.57
CA LYS A 12 -7.65 -13.71 -1.79
C LYS A 12 -6.40 -13.51 -0.93
N GLN A 13 -6.01 -12.33 -0.68
CA GLN A 13 -4.81 -12.08 0.02
C GLN A 13 -4.90 -10.91 0.99
N MET A 14 -5.67 -9.89 0.61
CA MET A 14 -5.70 -8.62 1.35
C MET A 14 -4.31 -8.08 1.53
N GLU A 15 -3.77 -7.58 0.46
CA GLU A 15 -2.45 -7.04 0.44
C GLU A 15 -2.52 -5.58 0.82
N GLU A 16 -1.88 -5.20 1.90
CA GLU A 16 -1.81 -3.81 2.27
C GLU A 16 -0.43 -3.25 1.95
N GLU A 17 0.53 -4.14 1.90
CA GLU A 17 1.85 -3.79 1.57
C GLU A 17 1.91 -3.40 0.13
N ALA A 18 2.54 -2.30 -0.03
CA ALA A 18 2.75 -1.56 -1.28
C ALA A 18 1.48 -0.86 -1.74
N VAL A 19 0.45 -0.92 -0.92
CA VAL A 19 -0.79 -0.20 -1.16
C VAL A 19 -0.81 0.96 -0.17
N ARG A 20 -0.44 0.62 1.06
CA ARG A 20 -0.25 1.55 2.18
C ARG A 20 0.90 2.53 1.90
N CYS A 21 1.67 2.24 0.88
CA CYS A 21 2.71 3.14 0.45
C CYS A 21 2.29 3.87 -0.82
N PHE A 22 1.45 3.20 -1.59
CA PHE A 22 1.09 3.63 -2.92
C PHE A 22 0.31 4.94 -2.87
N ILE A 23 -0.81 4.92 -2.18
CA ILE A 23 -1.69 6.08 -2.13
C ILE A 23 -1.01 7.23 -1.38
N GLU A 24 -0.14 6.87 -0.47
CA GLU A 24 0.58 7.84 0.33
C GLU A 24 1.68 8.48 -0.50
N CYS A 25 2.23 7.71 -1.42
CA CYS A 25 3.25 8.18 -2.33
C CYS A 25 2.67 9.25 -3.26
N LEU A 26 1.38 9.10 -3.58
CA LEU A 26 0.66 10.11 -4.37
C LEU A 26 0.33 11.35 -3.53
N LYS A 27 0.56 11.29 -2.25
CA LYS A 27 0.35 12.42 -1.37
C LYS A 27 1.68 13.13 -1.17
N GLY A 28 2.68 12.37 -0.83
CA GLY A 28 4.00 12.91 -0.65
C GLY A 28 4.60 12.48 0.62
N ILE A 29 5.09 11.30 0.64
CA ILE A 29 5.73 10.79 1.75
C ILE A 29 6.94 10.11 1.26
N GLY A 30 7.95 10.37 1.92
CA GLY A 30 9.19 9.67 1.75
C GLY A 30 9.08 8.22 2.26
N HIS A 31 10.02 7.80 3.03
CA HIS A 31 9.96 6.47 3.56
C HIS A 31 9.23 6.52 4.90
N LYS A 32 7.91 6.45 4.81
CA LYS A 32 7.07 6.51 6.00
C LYS A 32 6.77 5.11 6.51
N TYR A 33 6.64 4.19 5.61
CA TYR A 33 6.30 2.83 5.95
C TYR A 33 7.50 1.94 5.69
N PRO A 34 7.74 0.93 6.54
CA PRO A 34 8.91 0.01 6.46
C PRO A 34 9.09 -0.67 5.10
N PHE A 35 8.00 -0.80 4.39
CA PHE A 35 7.95 -1.47 3.11
C PHE A 35 7.59 -0.49 2.02
N CYS A 36 7.75 0.76 2.28
CA CYS A 36 7.35 1.75 1.32
C CYS A 36 8.42 2.04 0.30
N HIS A 37 8.10 1.69 -0.93
CA HIS A 37 8.98 1.82 -2.07
C HIS A 37 9.07 3.26 -2.60
N CYS A 38 8.31 4.17 -2.01
CA CYS A 38 8.26 5.53 -2.50
C CYS A 38 9.59 6.25 -2.22
N ARG A 39 10.01 7.04 -3.16
CA ARG A 39 11.28 7.73 -3.10
C ARG A 39 11.15 9.13 -3.65
N HIS A 1 -7.40 7.52 5.37
CA HIS A 1 -7.98 6.48 4.52
C HIS A 1 -7.12 6.37 3.27
N GLY A 2 -7.15 7.42 2.50
CA GLY A 2 -6.39 7.50 1.29
C GLY A 2 -7.28 7.61 0.08
N GLU A 3 -6.73 8.10 -0.99
CA GLU A 3 -7.44 8.25 -2.23
C GLU A 3 -7.35 6.96 -3.02
N GLY A 4 -8.26 6.09 -2.74
CA GLY A 4 -8.29 4.81 -3.36
C GLY A 4 -8.87 3.82 -2.42
N THR A 5 -9.38 2.75 -2.94
CA THR A 5 -10.00 1.76 -2.12
C THR A 5 -9.19 0.47 -2.12
N PHE A 6 -8.58 0.19 -0.99
CA PHE A 6 -7.94 -1.06 -0.74
C PHE A 6 -8.68 -1.76 0.36
N THR A 7 -9.44 -2.72 -0.03
CA THR A 7 -10.39 -3.38 0.79
C THR A 7 -10.20 -4.87 0.72
N SER A 8 -10.64 -5.55 1.76
CA SER A 8 -10.71 -6.99 1.88
C SER A 8 -11.39 -7.70 0.65
N ASP A 9 -11.86 -8.93 0.83
CA ASP A 9 -12.48 -9.76 -0.27
C ASP A 9 -13.73 -9.15 -0.92
N LEU A 10 -14.01 -7.91 -0.54
CA LEU A 10 -15.07 -7.10 -1.08
C LEU A 10 -14.76 -6.86 -2.57
N SER A 11 -13.50 -6.58 -2.88
CA SER A 11 -13.07 -6.42 -4.26
C SER A 11 -12.34 -7.69 -4.71
N LYS A 12 -12.15 -8.60 -3.74
CA LYS A 12 -11.53 -9.95 -3.87
C LYS A 12 -10.14 -9.99 -4.46
N GLN A 13 -9.48 -8.88 -4.45
CA GLN A 13 -8.11 -8.80 -4.86
C GLN A 13 -7.24 -9.12 -3.65
N MET A 14 -5.96 -8.98 -3.79
CA MET A 14 -5.09 -9.22 -2.68
C MET A 14 -5.01 -7.98 -1.81
N GLU A 15 -5.32 -8.16 -0.56
CA GLU A 15 -5.28 -7.09 0.41
C GLU A 15 -3.86 -7.16 1.00
N GLU A 16 -2.97 -6.37 0.47
CA GLU A 16 -1.57 -6.48 0.81
C GLU A 16 -0.94 -5.13 1.09
N GLU A 17 0.34 -5.17 1.42
CA GLU A 17 1.13 -4.04 1.67
C GLU A 17 1.62 -3.49 0.36
N ALA A 18 2.48 -2.53 0.46
CA ALA A 18 2.98 -1.68 -0.65
C ALA A 18 1.83 -0.88 -1.31
N VAL A 19 0.66 -0.97 -0.72
CA VAL A 19 -0.49 -0.18 -1.11
C VAL A 19 -0.71 0.83 0.00
N ARG A 20 -0.21 0.47 1.17
CA ARG A 20 -0.37 1.23 2.40
C ARG A 20 0.32 2.60 2.29
N CYS A 21 1.43 2.64 1.57
CA CYS A 21 2.20 3.85 1.40
C CYS A 21 2.00 4.41 -0.01
N PHE A 22 1.26 3.68 -0.84
CA PHE A 22 1.18 3.97 -2.26
C PHE A 22 0.46 5.30 -2.53
N ILE A 23 -0.70 5.46 -1.96
CA ILE A 23 -1.49 6.66 -2.18
C ILE A 23 -0.95 7.77 -1.30
N GLU A 24 -0.37 7.38 -0.19
CA GLU A 24 0.29 8.33 0.71
C GLU A 24 1.43 8.99 -0.07
N CYS A 25 2.21 8.17 -0.76
CA CYS A 25 3.32 8.63 -1.57
C CYS A 25 2.82 9.32 -2.84
N LEU A 26 1.57 9.09 -3.21
CA LEU A 26 0.95 9.77 -4.34
C LEU A 26 0.82 11.25 -4.00
N LYS A 27 0.72 11.54 -2.71
CA LYS A 27 0.75 12.90 -2.22
C LYS A 27 2.18 13.38 -2.20
N GLY A 28 2.99 12.77 -1.35
CA GLY A 28 4.37 13.14 -1.28
C GLY A 28 4.98 12.85 0.05
N ILE A 29 5.15 11.59 0.34
CA ILE A 29 5.78 11.16 1.52
C ILE A 29 6.76 10.08 1.12
N GLY A 30 7.95 10.39 1.30
CA GLY A 30 9.01 9.49 0.96
C GLY A 30 9.36 8.56 2.09
N HIS A 31 9.14 7.26 1.87
CA HIS A 31 9.50 6.19 2.81
C HIS A 31 8.95 6.45 4.23
N LYS A 32 7.66 6.28 4.38
CA LYS A 32 7.01 6.50 5.67
C LYS A 32 6.75 5.17 6.38
N TYR A 33 6.76 4.12 5.62
CA TYR A 33 6.51 2.79 6.11
C TYR A 33 7.73 1.93 5.85
N PRO A 34 7.98 0.91 6.67
CA PRO A 34 9.15 0.00 6.54
C PRO A 34 9.29 -0.61 5.13
N PHE A 35 8.17 -0.92 4.54
CA PHE A 35 8.10 -1.55 3.24
C PHE A 35 7.79 -0.55 2.13
N CYS A 36 7.87 0.71 2.45
CA CYS A 36 7.57 1.74 1.48
C CYS A 36 8.81 2.10 0.70
N HIS A 37 8.83 1.73 -0.54
CA HIS A 37 9.97 1.98 -1.38
C HIS A 37 9.72 3.19 -2.27
N CYS A 38 8.63 3.85 -2.04
CA CYS A 38 8.26 5.00 -2.82
C CYS A 38 8.84 6.25 -2.16
N ARG A 39 9.57 7.03 -2.92
CA ARG A 39 10.16 8.30 -2.47
C ARG A 39 10.11 9.31 -3.59
#